data_8VX5
#
_entry.id   8VX5
#
_cell.length_a   1.00
_cell.length_b   1.00
_cell.length_c   1.00
_cell.angle_alpha   90.00
_cell.angle_beta   90.00
_cell.angle_gamma   90.00
#
_symmetry.space_group_name_H-M   'P 1'
#
loop_
_entity.id
_entity.type
_entity.pdbx_description
1 polymer 'Histone H3.2'
2 polymer 'Histone H4'
3 polymer 'Histone H2A'
4 polymer 'Histone H2B 1.1'
5 polymer 'DNA (167-MER)'
6 polymer 'DNA (167-MER)'
#
loop_
_entity_poly.entity_id
_entity_poly.type
_entity_poly.pdbx_seq_one_letter_code
_entity_poly.pdbx_strand_id
1 'polypeptide(L)'
;MARTKQTARKSTGGKAPRKQLATKAARKSAPATGGVKKPHRYRPGTVALREIRRYQKSTELLIRKLPFQRLVREIAQDFK
TDLRFQSSAVMALQEASEAYLVALFEDTNLCAIHAKRVTIMPKDIQLARRIRGERA
;
A,E
2 'polypeptide(L)'
;MSGRGKGGKGLGKGGAKRHRKVLRDNIQGITKPAIRRLARRGGVKRISGLIYEETRGVLKVFLENVIRDAVTYTEHAKRK
TVTAMDVVYALKRQGRTLYGFGGSSGLVPRGSLEHHHHHH
;
B,F
3 'polypeptide(L)'
;MKETAAAKFERQHMDSPDLHHHHHHGTLVPRGSMGMSGRGKQGGKTRAKAKTRSSRAGLQFPVGRVHRLLRKGNYAERVG
AGAPVYLAAVLEYLTAEILELAGNAARDNKKTRIIPRHLQLAVRNDEELNKLLGRVTIAQGGVLPNIQSVLLPKKTESSK
SAKSK
;
C,G
4 'polypeptide(L)'
;MAKSAPAPKKGSKKAVTKTQKKDGKKRRKTRKESYAIYVYKVLKQVHPDTGISSKAMSIMNSFVNDVFERIAGEASRLAH
YNKRSTITSREIQTAVRLLLPGELAKHAVSEGTKAVTKYTSAK
;
D,H
5 'polydeoxyribonucleotide'
;(DA)(DT)(DC)(DG)(DG)(DC)(DC)(DG)(DC)(DC)(DA)(DC)(DA)(DG)(DG)(DA)(DT)(DG)(DT)(DA)
(DT)(DA)(DT)(DA)(DT)(DC)(DT)(DG)(DA)(DC)(DA)(DC)(DG)(DT)(DG)(DC)(DC)(DT)(DG)(DG)
(DA)(DG)(DA)(DC)(DT)(DA)(DG)(DG)(DG)(DA)(DG)(DT)(DA)(DA)(DT)(DC)(DC)(DC)(DC)(DT)
(DT)(DG)(DG)(DC)(DG)(DG)(DT)(DT)(DA)(DA)(DA)(DA)(DC)(DG)(DC)(DG)(DG)(DG)(DG)(DG)
(DA)(DC)(DA)(DG)(DC)(DG)(DC)(DG)(DT)(DA)(DC)(DG)(DT)(DG)(DC)(DG)(DT)(DT)(DT)(DA)
(DA)(DG)(DC)(DG)(DG)(DT)(DG)(DC)(DT)(DA)(DG)(DA)(DG)(DC)(DT)(DG)(DT)(DC)(DT)(DA)
(DC)(DG)(DA)(DC)(DC)(DA)(DA)(DT)(DT)(DG)(DA)(DG)(DC)(DG)(DG)(DC)(DC)(DT)(DC)(DG)
(DG)(DC)(DA)(DC)(DC)(DG)(DG)(DG)(DA)(DT)(DT)(DC)(DT)(DC)(DC)(DA)(DG)(DG)(DG)(DC)
(DG)(DG)(DC)(DC)(DG)(DA)(DT)
;
I
6 'polydeoxyribonucleotide'
;(DA)(DT)(DC)(DG)(DG)(DC)(DC)(DG)(DC)(DC)(DC)(DT)(DG)(DG)(DA)(DG)(DA)(DA)(DT)(DC)
(DC)(DC)(DG)(DG)(DT)(DG)(DC)(DC)(DG)(DA)(DG)(DG)(DC)(DC)(8OG)(DC)(DT)(DC)(DA)
(DA)(DT)(DT)(DG)(DG)(DT)(DC)(DG)(DT)(DA)(DG)(DA)(DC)(DA)(DG)(DC)(DT)(DC)(DT)(DA)
(DG)(DC)(DA)(DC)(DC)(DG)(DC)(DT)(DT)(DA)(DA)(DA)(DC)(DG)(DC)(DA)(DC)(DG)(DT)(DA)
(DC)(DG)(DC)(DG)(DC)(DT)(DG)(DT)(DC)(DC)(DC)(DC)(DC)(DG)(DC)(DG)(DT)(DT)(DT)(DT)
(DA)(DA)(DC)(DC)(DG)(DC)(DC)(DA)(DA)(DG)(DG)(DG)(DG)(DA)(DT)(DT)(DA)(DC)(DT)(DC)
(DC)(DC)(DT)(DA)(DG)(DT)(DC)(DT)(DC)(DC)(DA)(DG)(DG)(DC)(DA)(DC)(DG)(DT)(DG)(DT)
(DC)(DA)(DG)(DA)(DT)(DA)(DT)(DA)(DT)(DA)(DC)(DA)(DT)(DC)(DC)(DT)(DG)(DT)(DG)(DG)
(DC)(DG)(DG)(DC)(DC)(DG)(DA)(DT)
;
J
#
loop_
_chem_comp.id
_chem_comp.type
_chem_comp.name
_chem_comp.formula
8OG DNA linking 8-OXO-2'-DEOXY-GUANOSINE-5'-MONOPHOSPHATE 'C10 H14 N5 O8 P'
DA DNA linking 2'-DEOXYADENOSINE-5'-MONOPHOSPHATE 'C10 H14 N5 O6 P'
DC DNA linking 2'-DEOXYCYTIDINE-5'-MONOPHOSPHATE 'C9 H14 N3 O7 P'
DG DNA linking 2'-DEOXYGUANOSINE-5'-MONOPHOSPHATE 'C10 H14 N5 O7 P'
DT DNA linking THYMIDINE-5'-MONOPHOSPHATE 'C10 H15 N2 O8 P'
#
# COMPACT_ATOMS: atom_id res chain seq x y z
N LYS A 38 26.46 43.78 29.90
CA LYS A 38 25.15 43.22 29.61
C LYS A 38 25.28 41.81 29.03
N PRO A 39 24.68 40.83 29.69
CA PRO A 39 24.71 39.45 29.16
C PRO A 39 23.99 39.36 27.83
N HIS A 40 24.49 38.47 26.98
CA HIS A 40 23.92 38.26 25.65
C HIS A 40 22.89 37.16 25.67
N ARG A 41 21.77 37.39 25.00
CA ARG A 41 20.69 36.41 24.89
C ARG A 41 20.09 36.48 23.49
N TYR A 42 20.08 35.35 22.79
CA TYR A 42 19.41 35.27 21.51
C TYR A 42 17.90 35.32 21.70
N ARG A 43 17.22 35.88 20.70
CA ARG A 43 15.77 35.95 20.75
C ARG A 43 15.15 34.57 20.57
N PRO A 44 13.92 34.38 21.05
CA PRO A 44 13.27 33.07 20.87
C PRO A 44 12.94 32.79 19.41
N GLY A 45 13.64 31.83 18.82
CA GLY A 45 13.38 31.43 17.45
C GLY A 45 14.63 31.27 16.59
N THR A 46 15.64 32.11 16.84
CA THR A 46 16.86 32.01 16.03
C THR A 46 17.63 30.74 16.33
N VAL A 47 17.75 30.38 17.61
CA VAL A 47 18.44 29.14 17.96
C VAL A 47 17.64 27.94 17.46
N ALA A 48 16.32 28.01 17.53
CA ALA A 48 15.49 26.92 17.00
C ALA A 48 15.68 26.76 15.50
N LEU A 49 15.74 27.87 14.76
CA LEU A 49 15.99 27.80 13.32
C LEU A 49 17.38 27.25 13.04
N ARG A 50 18.37 27.65 13.86
CA ARG A 50 19.72 27.12 13.69
C ARG A 50 19.76 25.62 13.91
N GLU A 51 19.02 25.13 14.91
CA GLU A 51 18.92 23.69 15.12
C GLU A 51 18.22 23.01 13.96
N ILE A 52 17.17 23.64 13.42
CA ILE A 52 16.48 23.07 12.27
C ILE A 52 17.45 22.88 11.12
N ARG A 53 18.24 23.91 10.82
CA ARG A 53 19.20 23.82 9.73
C ARG A 53 20.28 22.78 10.02
N ARG A 54 20.79 22.76 11.25
CA ARG A 54 21.85 21.81 11.60
C ARG A 54 21.36 20.38 11.44
N TYR A 55 20.17 20.08 11.95
CA TYR A 55 19.68 18.70 11.92
C TYR A 55 19.18 18.30 10.53
N GLN A 56 18.69 19.25 9.74
CA GLN A 56 18.32 18.90 8.36
C GLN A 56 19.56 18.65 7.51
N LYS A 57 20.64 19.41 7.75
CA LYS A 57 21.87 19.17 7.02
C LYS A 57 22.53 17.86 7.46
N SER A 58 22.46 17.54 8.75
CA SER A 58 23.09 16.33 9.26
C SER A 58 22.22 15.10 8.96
N THR A 59 22.82 13.92 9.15
CA THR A 59 22.13 12.66 8.85
C THR A 59 22.33 11.60 9.91
N GLU A 60 22.66 11.97 11.15
CA GLU A 60 22.87 10.98 12.19
C GLU A 60 21.61 10.80 13.02
N LEU A 61 21.55 9.67 13.72
CA LEU A 61 20.40 9.36 14.56
C LEU A 61 20.31 10.31 15.73
N LEU A 62 19.09 10.77 16.02
CA LEU A 62 18.83 11.77 17.05
C LEU A 62 18.34 11.17 18.35
N ILE A 63 18.38 9.85 18.49
CA ILE A 63 17.92 9.17 19.69
C ILE A 63 19.04 8.28 20.21
N ARG A 64 19.26 8.32 21.52
CA ARG A 64 20.36 7.57 22.11
C ARG A 64 20.17 6.07 21.92
N LYS A 65 21.24 5.41 21.50
CA LYS A 65 21.17 4.02 21.05
C LYS A 65 20.81 3.08 22.19
N LEU A 66 21.45 3.23 23.34
CA LEU A 66 21.16 2.33 24.47
C LEU A 66 19.75 2.51 24.99
N PRO A 67 19.25 3.72 25.26
CA PRO A 67 17.84 3.84 25.64
C PRO A 67 16.88 3.31 24.60
N PHE A 68 17.14 3.56 23.32
CA PHE A 68 16.24 3.05 22.29
C PHE A 68 16.26 1.52 22.26
N GLN A 69 17.44 0.92 22.41
CA GLN A 69 17.54 -0.53 22.44
C GLN A 69 16.80 -1.12 23.64
N ARG A 70 16.92 -0.47 24.80
CA ARG A 70 16.20 -0.93 25.97
C ARG A 70 14.68 -0.86 25.75
N LEU A 71 14.22 0.23 25.13
CA LEU A 71 12.80 0.34 24.81
C LEU A 71 12.36 -0.75 23.84
N VAL A 72 13.17 -1.02 22.83
CA VAL A 72 12.83 -2.05 21.86
C VAL A 72 12.70 -3.41 22.55
N ARG A 73 13.65 -3.73 23.42
CA ARG A 73 13.61 -5.02 24.11
C ARG A 73 12.43 -5.11 25.07
N GLU A 74 12.14 -4.02 25.78
CA GLU A 74 10.98 -4.02 26.68
C GLU A 74 9.69 -4.23 25.90
N ILE A 75 9.55 -3.58 24.74
CA ILE A 75 8.35 -3.77 23.92
C ILE A 75 8.29 -5.21 23.41
N ALA A 76 9.41 -5.75 22.96
CA ALA A 76 9.41 -7.10 22.40
C ALA A 76 9.22 -8.17 23.48
N GLN A 77 9.38 -7.82 24.75
CA GLN A 77 9.16 -8.80 25.81
C GLN A 77 7.72 -9.29 25.82
N ASP A 78 6.75 -8.39 25.58
CA ASP A 78 5.35 -8.78 25.61
C ASP A 78 5.02 -9.81 24.54
N PHE A 79 5.78 -9.84 23.44
CA PHE A 79 5.47 -10.72 22.33
C PHE A 79 6.16 -12.07 22.43
N LYS A 80 7.40 -12.10 22.90
CA LYS A 80 8.12 -13.36 23.09
C LYS A 80 9.24 -13.11 24.09
N THR A 81 9.24 -13.85 25.19
CA THR A 81 10.23 -13.66 26.23
C THR A 81 11.57 -14.26 25.83
N ASP A 82 12.62 -13.80 26.50
CA ASP A 82 13.99 -14.29 26.28
C ASP A 82 14.42 -14.12 24.82
N LEU A 83 14.09 -12.97 24.24
CA LEU A 83 14.45 -12.67 22.87
C LEU A 83 15.84 -12.06 22.79
N ARG A 84 16.53 -12.36 21.70
CA ARG A 84 17.79 -11.74 21.36
C ARG A 84 17.62 -10.88 20.12
N PHE A 85 18.52 -9.93 19.92
CA PHE A 85 18.43 -9.00 18.81
C PHE A 85 19.78 -8.84 18.14
N GLN A 86 19.76 -8.66 16.83
CA GLN A 86 20.95 -8.26 16.10
C GLN A 86 21.13 -6.75 16.19
N SER A 87 22.40 -6.33 16.21
CA SER A 87 22.71 -4.91 16.23
C SER A 87 22.14 -4.22 15.00
N SER A 88 22.25 -4.89 13.84
CA SER A 88 21.66 -4.34 12.62
C SER A 88 20.14 -4.26 12.73
N ALA A 89 19.52 -5.24 13.39
CA ALA A 89 18.07 -5.21 13.58
C ALA A 89 17.65 -4.00 14.42
N VAL A 90 18.37 -3.75 15.52
CA VAL A 90 18.03 -2.61 16.36
C VAL A 90 18.30 -1.30 15.63
N MET A 91 19.38 -1.24 14.85
CA MET A 91 19.66 -0.05 14.07
C MET A 91 18.58 0.20 13.02
N ALA A 92 18.11 -0.86 12.38
CA ALA A 92 17.02 -0.73 11.42
C ALA A 92 15.76 -0.21 12.09
N LEU A 93 15.44 -0.75 13.27
CA LEU A 93 14.28 -0.26 14.01
C LEU A 93 14.43 1.21 14.36
N GLN A 94 15.62 1.62 14.80
CA GLN A 94 15.81 3.01 15.21
C GLN A 94 15.73 3.96 14.02
N GLU A 95 16.37 3.60 12.91
CA GLU A 95 16.32 4.46 11.73
C GLU A 95 14.91 4.56 11.17
N ALA A 96 14.18 3.44 11.12
CA ALA A 96 12.80 3.47 10.65
C ALA A 96 11.93 4.31 11.56
N SER A 97 12.09 4.16 12.88
CA SER A 97 11.27 4.92 13.82
C SER A 97 11.57 6.42 13.72
N GLU A 98 12.84 6.77 13.58
CA GLU A 98 13.19 8.19 13.46
C GLU A 98 12.67 8.78 12.15
N ALA A 99 12.76 8.03 11.05
CA ALA A 99 12.19 8.50 9.79
C ALA A 99 10.69 8.71 9.91
N TYR A 100 10.00 7.76 10.53
CA TYR A 100 8.56 7.89 10.74
C TYR A 100 8.23 9.11 11.58
N LEU A 101 8.99 9.34 12.65
CA LEU A 101 8.71 10.48 13.53
C LEU A 101 9.00 11.81 12.84
N VAL A 102 10.05 11.86 12.01
CA VAL A 102 10.34 13.10 11.29
C VAL A 102 9.25 13.39 10.27
N ALA A 103 8.78 12.37 9.55
CA ALA A 103 7.67 12.58 8.62
C ALA A 103 6.41 13.02 9.36
N LEU A 104 6.13 12.40 10.51
CA LEU A 104 4.97 12.79 11.30
C LEU A 104 5.10 14.23 11.80
N PHE A 105 6.32 14.66 12.12
CA PHE A 105 6.50 16.03 12.58
C PHE A 105 6.39 17.03 11.44
N GLU A 106 6.79 16.65 10.23
CA GLU A 106 6.53 17.50 9.07
C GLU A 106 5.02 17.67 8.85
N ASP A 107 4.27 16.57 8.92
CA ASP A 107 2.82 16.67 8.75
C ASP A 107 2.18 17.46 9.88
N THR A 108 2.68 17.27 11.11
CA THR A 108 2.19 18.04 12.25
C THR A 108 2.45 19.53 12.08
N ASN A 109 3.63 19.88 11.55
CA ASN A 109 3.94 21.28 11.29
C ASN A 109 3.01 21.84 10.24
N LEU A 110 2.70 21.05 9.20
CA LEU A 110 1.73 21.49 8.21
C LEU A 110 0.37 21.76 8.84
N CYS A 111 -0.08 20.86 9.72
CA CYS A 111 -1.37 21.05 10.39
C CYS A 111 -1.36 22.30 11.26
N ALA A 112 -0.28 22.53 12.00
CA ALA A 112 -0.20 23.70 12.88
C ALA A 112 -0.18 24.99 12.07
N ILE A 113 0.53 25.00 10.95
CA ILE A 113 0.51 26.18 10.08
C ILE A 113 -0.88 26.39 9.51
N HIS A 114 -1.56 25.31 9.12
CA HIS A 114 -2.93 25.42 8.63
C HIS A 114 -3.85 26.03 9.68
N ALA A 115 -3.66 25.67 10.94
CA ALA A 115 -4.45 26.24 12.02
C ALA A 115 -3.97 27.62 12.44
N LYS A 116 -3.10 28.26 11.65
CA LYS A 116 -2.60 29.61 11.93
C LYS A 116 -1.80 29.63 13.24
N ARG A 117 -0.82 28.73 13.33
CA ARG A 117 0.05 28.64 14.50
C ARG A 117 1.44 28.22 14.03
N VAL A 118 2.42 28.44 14.91
CA VAL A 118 3.77 27.93 14.70
C VAL A 118 4.13 26.83 15.69
N THR A 119 3.36 26.67 16.77
CA THR A 119 3.60 25.63 17.76
C THR A 119 2.81 24.38 17.39
N ILE A 120 3.48 23.24 17.38
CA ILE A 120 2.82 21.98 17.13
C ILE A 120 2.19 21.50 18.43
N MET A 121 1.03 20.85 18.32
CA MET A 121 0.24 20.46 19.48
C MET A 121 -0.25 19.03 19.33
N PRO A 122 -0.64 18.40 20.44
CA PRO A 122 -1.19 17.04 20.35
C PRO A 122 -2.37 16.94 19.41
N LYS A 123 -3.20 17.98 19.31
CA LYS A 123 -4.30 17.95 18.34
C LYS A 123 -3.76 17.95 16.92
N ASP A 124 -2.66 18.66 16.66
CA ASP A 124 -2.04 18.61 15.34
C ASP A 124 -1.53 17.21 15.02
N ILE A 125 -0.90 16.56 16.00
CA ILE A 125 -0.44 15.18 15.77
C ILE A 125 -1.63 14.26 15.52
N GLN A 126 -2.71 14.43 16.29
CA GLN A 126 -3.89 13.59 16.11
C GLN A 126 -4.49 13.77 14.72
N LEU A 127 -4.59 15.02 14.25
CA LEU A 127 -5.13 15.26 12.91
C LEU A 127 -4.23 14.65 11.84
N ALA A 128 -2.90 14.80 11.99
CA ALA A 128 -1.99 14.21 11.03
C ALA A 128 -2.18 12.70 10.94
N ARG A 129 -2.21 12.03 12.10
CA ARG A 129 -2.39 10.58 12.09
C ARG A 129 -3.74 10.19 11.52
N ARG A 130 -4.79 10.94 11.86
CA ARG A 130 -6.14 10.59 11.39
C ARG A 130 -6.24 10.73 9.87
N ILE A 131 -5.65 11.78 9.31
CA ILE A 131 -5.64 11.92 7.86
C ILE A 131 -4.82 10.81 7.22
N ARG A 132 -3.65 10.51 7.79
CA ARG A 132 -2.82 9.45 7.24
C ARG A 132 -3.45 8.06 7.42
N GLY A 133 -4.47 7.94 8.25
CA GLY A 133 -5.17 6.69 8.42
C GLY A 133 -4.76 5.86 9.62
N GLU A 134 -3.98 6.43 10.54
CA GLU A 134 -3.52 5.71 11.71
C GLU A 134 -4.42 5.88 12.93
N ARG A 135 -5.31 6.87 12.91
CA ARG A 135 -6.27 7.05 14.01
C ARG A 135 -7.60 7.57 13.47
N HIS B 19 19.20 -15.18 34.57
CA HIS B 19 19.36 -14.06 33.65
C HIS B 19 18.00 -13.46 33.30
N ARG B 20 17.04 -13.59 34.20
CA ARG B 20 15.70 -13.07 34.01
C ARG B 20 15.67 -11.60 34.44
N LYS B 21 15.60 -10.70 33.47
CA LYS B 21 15.50 -9.27 33.72
C LYS B 21 14.26 -8.73 33.02
N VAL B 22 13.46 -7.96 33.75
CA VAL B 22 12.24 -7.37 33.23
C VAL B 22 12.41 -5.86 33.20
N LEU B 23 12.37 -5.28 32.01
CA LEU B 23 12.50 -3.84 31.85
C LEU B 23 11.14 -3.17 31.99
N ARG B 24 11.16 -1.93 32.49
CA ARG B 24 9.92 -1.20 32.70
C ARG B 24 10.20 0.30 32.66
N ASP B 25 9.21 1.06 32.19
CA ASP B 25 9.30 2.51 32.09
C ASP B 25 10.51 2.96 31.29
N ASN B 26 10.78 2.25 30.18
CA ASN B 26 11.83 2.63 29.26
C ASN B 26 11.37 3.63 28.21
N ILE B 27 10.06 3.88 28.12
CA ILE B 27 9.55 4.86 27.18
C ILE B 27 10.04 6.26 27.54
N GLN B 28 10.43 6.49 28.79
CA GLN B 28 11.01 7.75 29.21
C GLN B 28 12.45 7.92 28.77
N GLY B 29 13.10 6.86 28.28
CA GLY B 29 14.41 6.98 27.69
C GLY B 29 14.42 7.78 26.41
N ILE B 30 13.26 7.93 25.76
CA ILE B 30 13.12 8.85 24.65
C ILE B 30 12.87 10.22 25.26
N THR B 31 13.94 10.95 25.54
CA THR B 31 13.88 12.15 26.36
C THR B 31 13.27 13.30 25.58
N LYS B 32 12.95 14.36 26.33
CA LYS B 32 12.44 15.57 25.70
C LYS B 32 13.41 16.17 24.70
N PRO B 33 14.71 16.33 24.98
CA PRO B 33 15.62 16.85 23.95
C PRO B 33 15.73 15.96 22.72
N ALA B 34 15.57 14.64 22.85
CA ALA B 34 15.59 13.79 21.67
C ALA B 34 14.38 14.06 20.77
N ILE B 35 13.20 14.21 21.37
CA ILE B 35 12.01 14.55 20.61
C ILE B 35 12.14 15.93 20.01
N ARG B 36 12.80 16.86 20.71
CA ARG B 36 13.07 18.17 20.14
C ARG B 36 13.97 18.07 18.92
N ARG B 37 14.99 17.21 18.99
CA ARG B 37 15.86 17.01 17.83
C ARG B 37 15.08 16.45 16.65
N LEU B 38 14.19 15.48 16.91
CA LEU B 38 13.36 14.93 15.84
C LEU B 38 12.45 15.99 15.24
N ALA B 39 11.84 16.83 16.08
CA ALA B 39 10.99 17.90 15.57
C ALA B 39 11.78 18.94 14.78
N ARG B 40 13.00 19.25 15.23
CA ARG B 40 13.85 20.16 14.48
C ARG B 40 14.23 19.57 13.12
N ARG B 41 14.57 18.29 13.08
CA ARG B 41 14.83 17.64 11.81
C ARG B 41 13.61 17.67 10.91
N GLY B 42 12.42 17.55 11.50
CA GLY B 42 11.18 17.70 10.73
C GLY B 42 10.90 19.12 10.30
N GLY B 43 11.49 20.10 10.98
CA GLY B 43 11.32 21.50 10.60
C GLY B 43 10.35 22.25 11.48
N VAL B 44 10.33 21.95 12.77
CA VAL B 44 9.40 22.53 13.72
C VAL B 44 10.11 23.60 14.54
N LYS B 45 9.47 24.77 14.67
CA LYS B 45 10.06 25.88 15.41
C LYS B 45 9.70 25.82 16.90
N ARG B 46 8.40 25.84 17.21
CA ARG B 46 7.93 25.79 18.59
C ARG B 46 7.21 24.47 18.85
N ILE B 47 7.29 24.03 20.11
CA ILE B 47 6.76 22.74 20.52
C ILE B 47 5.95 22.93 21.80
N SER B 48 4.73 22.41 21.81
CA SER B 48 3.90 22.47 23.00
C SER B 48 4.41 21.49 24.05
N GLY B 49 4.04 21.76 25.32
CA GLY B 49 4.53 20.94 26.41
C GLY B 49 4.02 19.51 26.36
N LEU B 50 2.76 19.32 26.00
CA LEU B 50 2.15 18.01 25.96
C LEU B 50 2.52 17.21 24.72
N ILE B 51 3.40 17.75 23.86
CA ILE B 51 3.77 17.06 22.63
C ILE B 51 4.57 15.80 22.94
N TYR B 52 5.40 15.83 23.98
CA TYR B 52 6.37 14.76 24.18
C TYR B 52 5.69 13.47 24.62
N GLU B 53 4.67 13.55 25.48
CA GLU B 53 3.92 12.35 25.85
C GLU B 53 3.20 11.76 24.64
N GLU B 54 2.59 12.61 23.82
CA GLU B 54 1.92 12.15 22.62
C GLU B 54 2.91 11.46 21.68
N THR B 55 4.09 12.06 21.50
CA THR B 55 5.10 11.46 20.63
C THR B 55 5.59 10.13 21.17
N ARG B 56 5.75 10.02 22.49
CA ARG B 56 6.16 8.75 23.07
C ARG B 56 5.10 7.68 22.83
N GLY B 57 3.82 8.04 22.97
CA GLY B 57 2.77 7.08 22.67
C GLY B 57 2.75 6.66 21.21
N VAL B 58 2.94 7.60 20.30
CA VAL B 58 2.97 7.30 18.87
C VAL B 58 4.13 6.37 18.55
N LEU B 59 5.32 6.69 19.09
CA LEU B 59 6.48 5.84 18.88
C LEU B 59 6.24 4.45 19.45
N LYS B 60 5.59 4.37 20.62
CA LYS B 60 5.35 3.08 21.23
C LYS B 60 4.44 2.22 20.38
N VAL B 61 3.36 2.80 19.84
CA VAL B 61 2.45 1.99 19.02
C VAL B 61 3.13 1.58 17.71
N PHE B 62 3.93 2.47 17.12
CA PHE B 62 4.66 2.13 15.90
C PHE B 62 5.61 0.97 16.15
N LEU B 63 6.40 1.07 17.22
CA LEU B 63 7.35 0.01 17.53
C LEU B 63 6.64 -1.29 17.88
N GLU B 64 5.51 -1.19 18.57
CA GLU B 64 4.75 -2.40 18.89
C GLU B 64 4.32 -3.12 17.62
N ASN B 65 3.77 -2.39 16.66
CA ASN B 65 3.34 -3.03 15.41
C ASN B 65 4.52 -3.66 14.68
N VAL B 66 5.59 -2.89 14.48
CA VAL B 66 6.73 -3.38 13.70
C VAL B 66 7.38 -4.57 14.40
N ILE B 67 7.57 -4.48 15.71
CA ILE B 67 8.21 -5.54 16.47
C ILE B 67 7.33 -6.79 16.52
N ARG B 68 6.02 -6.62 16.61
CA ARG B 68 5.13 -7.77 16.59
C ARG B 68 5.24 -8.52 15.26
N ASP B 69 5.25 -7.79 14.15
CA ASP B 69 5.43 -8.46 12.86
C ASP B 69 6.80 -9.12 12.76
N ALA B 70 7.84 -8.45 13.25
CA ALA B 70 9.19 -9.01 13.19
C ALA B 70 9.30 -10.29 14.02
N VAL B 71 8.71 -10.29 15.22
CA VAL B 71 8.74 -11.48 16.06
C VAL B 71 7.90 -12.60 15.45
N THR B 72 6.81 -12.27 14.76
CA THR B 72 6.06 -13.30 14.06
C THR B 72 6.94 -13.97 13.00
N TYR B 73 7.68 -13.16 12.24
CA TYR B 73 8.59 -13.73 11.24
C TYR B 73 9.66 -14.58 11.91
N THR B 74 10.20 -14.11 13.03
CA THR B 74 11.26 -14.85 13.74
C THR B 74 10.74 -16.18 14.26
N GLU B 75 9.55 -16.19 14.86
CA GLU B 75 8.97 -17.44 15.36
C GLU B 75 8.69 -18.41 14.22
N HIS B 76 8.21 -17.91 13.08
CA HIS B 76 8.01 -18.79 11.95
C HIS B 76 9.33 -19.38 11.47
N ALA B 77 10.40 -18.58 11.50
CA ALA B 77 11.71 -19.08 11.12
C ALA B 77 12.30 -20.03 12.14
N LYS B 78 11.64 -20.20 13.29
CA LYS B 78 12.11 -21.05 14.39
C LYS B 78 13.42 -20.57 14.98
N ARG B 79 13.74 -19.30 14.79
CA ARG B 79 14.94 -18.71 15.37
C ARG B 79 14.61 -18.10 16.74
N LYS B 80 15.63 -17.58 17.40
CA LYS B 80 15.45 -16.96 18.70
C LYS B 80 15.97 -15.53 18.76
N THR B 81 16.62 -15.03 17.72
CA THR B 81 17.10 -13.66 17.68
C THR B 81 16.44 -12.95 16.49
N VAL B 82 15.93 -11.75 16.75
CA VAL B 82 15.27 -10.96 15.72
C VAL B 82 16.36 -10.37 14.82
N THR B 83 16.39 -10.81 13.56
CA THR B 83 17.39 -10.38 12.62
C THR B 83 16.98 -9.06 11.96
N ALA B 84 17.88 -8.50 11.16
CA ALA B 84 17.57 -7.28 10.44
C ALA B 84 16.56 -7.53 9.33
N MET B 85 16.64 -8.70 8.69
CA MET B 85 15.69 -9.04 7.63
C MET B 85 14.27 -9.18 8.17
N ASP B 86 14.13 -9.65 9.42
CA ASP B 86 12.80 -9.71 10.02
C ASP B 86 12.19 -8.31 10.14
N VAL B 87 12.98 -7.34 10.60
CA VAL B 87 12.50 -5.96 10.70
C VAL B 87 12.20 -5.40 9.32
N VAL B 88 13.05 -5.70 8.34
CA VAL B 88 12.81 -5.19 6.97
C VAL B 88 11.52 -5.75 6.42
N TYR B 89 11.27 -7.05 6.62
CA TYR B 89 10.03 -7.65 6.14
C TYR B 89 8.83 -7.12 6.89
N ALA B 90 8.96 -6.85 8.19
CA ALA B 90 7.86 -6.23 8.93
C ALA B 90 7.53 -4.86 8.36
N LEU B 91 8.55 -4.05 8.10
CA LEU B 91 8.33 -2.73 7.54
C LEU B 91 7.71 -2.83 6.15
N LYS B 92 8.14 -3.81 5.36
CA LYS B 92 7.56 -4.01 4.03
C LYS B 92 6.09 -4.43 4.14
N ARG B 93 5.76 -5.25 5.14
CA ARG B 93 4.35 -5.56 5.42
C ARG B 93 3.59 -4.28 5.75
N GLN B 94 4.24 -3.34 6.43
CA GLN B 94 3.62 -2.05 6.70
C GLN B 94 3.69 -1.08 5.54
N GLY B 95 4.28 -1.49 4.42
CA GLY B 95 4.46 -0.59 3.29
C GLY B 95 5.43 0.54 3.57
N ARG B 96 6.56 0.24 4.21
CA ARG B 96 7.56 1.22 4.61
C ARG B 96 8.96 0.72 4.27
N THR B 97 9.16 0.33 3.01
CA THR B 97 10.44 -0.20 2.52
C THR B 97 11.63 0.58 3.07
N LEU B 98 12.55 -0.14 3.70
CA LEU B 98 13.76 0.44 4.25
C LEU B 98 14.95 -0.08 3.45
N TYR B 99 15.74 0.84 2.91
CA TYR B 99 16.91 0.49 2.10
C TYR B 99 18.17 0.51 2.97
N GLY B 100 19.00 -0.51 2.81
CA GLY B 100 20.30 -0.50 3.43
C GLY B 100 20.54 -1.55 4.50
N PHE B 101 19.70 -2.57 4.56
CA PHE B 101 19.85 -3.65 5.54
C PHE B 101 19.66 -5.00 4.86
N GLY B 102 20.30 -5.18 3.72
CA GLY B 102 20.23 -6.45 3.00
C GLY B 102 19.64 -6.34 1.62
N LYS C 45 -15.48 -49.74 -12.00
CA LYS C 45 -14.55 -49.85 -10.89
C LYS C 45 -15.13 -49.21 -9.63
N THR C 46 -16.08 -49.90 -9.01
CA THR C 46 -16.74 -49.38 -7.81
C THR C 46 -15.77 -49.42 -6.64
N ARG C 47 -15.17 -48.28 -6.33
CA ARG C 47 -14.25 -48.14 -5.22
C ARG C 47 -15.02 -47.80 -3.95
N ALA C 48 -14.31 -47.35 -2.93
CA ALA C 48 -14.96 -46.86 -1.72
C ALA C 48 -15.75 -45.59 -2.00
N LYS C 49 -16.78 -45.35 -1.20
CA LYS C 49 -17.57 -44.15 -1.35
C LYS C 49 -16.73 -42.91 -1.07
N ALA C 50 -16.82 -41.94 -1.98
CA ALA C 50 -16.03 -40.72 -1.84
C ALA C 50 -16.55 -39.86 -0.71
N LYS C 51 -15.63 -39.19 -0.01
CA LYS C 51 -15.96 -38.22 1.02
C LYS C 51 -15.27 -36.90 0.69
N THR C 52 -16.05 -35.83 0.61
CA THR C 52 -15.47 -34.51 0.39
C THR C 52 -14.63 -34.10 1.59
N ARG C 53 -13.49 -33.47 1.31
CA ARG C 53 -12.61 -33.03 2.39
C ARG C 53 -13.24 -31.92 3.23
N SER C 54 -14.20 -31.19 2.67
CA SER C 54 -14.96 -30.24 3.47
C SER C 54 -15.75 -30.96 4.57
N SER C 55 -16.35 -32.10 4.22
CA SER C 55 -17.07 -32.88 5.21
C SER C 55 -16.12 -33.61 6.15
N ARG C 56 -14.97 -34.06 5.64
CA ARG C 56 -14.00 -34.71 6.51
C ARG C 56 -13.47 -33.75 7.56
N ALA C 57 -13.20 -32.50 7.18
CA ALA C 57 -12.70 -31.50 8.10
C ALA C 57 -13.80 -30.69 8.78
N GLY C 58 -15.06 -31.02 8.51
CA GLY C 58 -16.16 -30.28 9.11
C GLY C 58 -16.28 -28.85 8.62
N LEU C 59 -16.11 -28.64 7.32
CA LEU C 59 -16.16 -27.30 6.73
C LEU C 59 -17.26 -27.23 5.69
N GLN C 60 -17.66 -26.01 5.37
CA GLN C 60 -18.58 -25.77 4.26
C GLN C 60 -17.88 -25.30 3.00
N PHE C 61 -16.81 -24.52 3.13
CA PHE C 61 -16.06 -24.07 1.97
C PHE C 61 -15.28 -25.23 1.35
N PRO C 62 -15.07 -25.20 0.03
CA PRO C 62 -14.51 -26.37 -0.67
C PRO C 62 -13.01 -26.50 -0.48
N VAL C 63 -12.60 -27.52 0.28
CA VAL C 63 -11.19 -27.77 0.50
C VAL C 63 -10.50 -28.16 -0.80
N GLY C 64 -11.16 -28.99 -1.62
CA GLY C 64 -10.55 -29.37 -2.89
C GLY C 64 -10.38 -28.21 -3.83
N ARG C 65 -11.39 -27.33 -3.92
CA ARG C 65 -11.27 -26.15 -4.76
C ARG C 65 -10.17 -25.22 -4.25
N VAL C 66 -10.08 -25.04 -2.93
CA VAL C 66 -9.02 -24.22 -2.37
C VAL C 66 -7.65 -24.82 -2.69
N HIS C 67 -7.54 -26.15 -2.62
CA HIS C 67 -6.28 -26.80 -2.95
C HIS C 67 -5.90 -26.56 -4.41
N ARG C 68 -6.87 -26.69 -5.32
CA ARG C 68 -6.57 -26.45 -6.73
C ARG C 68 -6.17 -24.99 -6.96
N LEU C 69 -6.86 -24.05 -6.31
CA LEU C 69 -6.52 -22.64 -6.49
C LEU C 69 -5.13 -22.33 -5.93
N LEU C 70 -4.75 -22.98 -4.83
CA LEU C 70 -3.39 -22.81 -4.31
C LEU C 70 -2.36 -23.41 -5.26
N ARG C 71 -2.67 -24.56 -5.86
CA ARG C 71 -1.69 -25.21 -6.71
C ARG C 71 -1.54 -24.51 -8.06
N LYS C 72 -2.59 -23.85 -8.54
CA LYS C 72 -2.55 -23.24 -9.86
C LYS C 72 -2.27 -21.75 -9.82
N GLY C 73 -2.01 -21.18 -8.64
CA GLY C 73 -1.74 -19.76 -8.50
C GLY C 73 -0.27 -19.39 -8.47
N ASN C 74 0.65 -20.31 -8.79
CA ASN C 74 2.08 -20.06 -8.76
C ASN C 74 2.57 -19.61 -7.38
N TYR C 75 1.85 -20.01 -6.34
CA TYR C 75 2.22 -19.57 -4.99
C TYR C 75 3.45 -20.29 -4.49
N ALA C 76 3.57 -21.58 -4.79
CA ALA C 76 4.76 -22.35 -4.45
C ALA C 76 4.78 -23.61 -5.29
N GLU C 77 5.94 -24.26 -5.33
CA GLU C 77 6.08 -25.49 -6.10
C GLU C 77 5.25 -26.62 -5.51
N ARG C 78 5.22 -26.71 -4.17
CA ARG C 78 4.51 -27.77 -3.49
C ARG C 78 3.52 -27.17 -2.50
N VAL C 79 2.39 -27.85 -2.31
CA VAL C 79 1.34 -27.41 -1.39
C VAL C 79 1.05 -28.56 -0.43
N GLY C 80 1.10 -28.26 0.86
CA GLY C 80 0.86 -29.29 1.86
C GLY C 80 -0.58 -29.75 1.88
N ALA C 81 -0.80 -30.88 2.54
CA ALA C 81 -2.16 -31.42 2.62
C ALA C 81 -3.04 -30.61 3.55
N GLY C 82 -2.50 -30.15 4.68
CA GLY C 82 -3.27 -29.38 5.62
C GLY C 82 -3.42 -27.92 5.30
N ALA C 83 -2.62 -27.39 4.37
CA ALA C 83 -2.75 -25.99 3.98
C ALA C 83 -4.12 -25.65 3.40
N PRO C 84 -4.67 -26.42 2.44
CA PRO C 84 -6.03 -26.11 1.97
C PRO C 84 -7.06 -26.17 3.07
N VAL C 85 -6.93 -27.13 3.99
CA VAL C 85 -7.89 -27.26 5.08
C VAL C 85 -7.84 -26.03 5.97
N TYR C 86 -6.63 -25.61 6.34
CA TYR C 86 -6.48 -24.44 7.19
C TYR C 86 -7.01 -23.18 6.50
N LEU C 87 -6.64 -22.98 5.23
CA LEU C 87 -7.07 -21.79 4.52
C LEU C 87 -8.58 -21.76 4.34
N ALA C 88 -9.19 -22.90 3.99
CA ALA C 88 -10.64 -22.96 3.85
C ALA C 88 -11.34 -22.72 5.17
N ALA C 89 -10.77 -23.23 6.27
CA ALA C 89 -11.36 -22.97 7.58
C ALA C 89 -11.31 -21.50 7.93
N VAL C 90 -10.18 -20.83 7.65
CA VAL C 90 -10.06 -19.41 7.93
C VAL C 90 -11.04 -18.61 7.08
N LEU C 91 -11.15 -18.97 5.80
CA LEU C 91 -12.10 -18.29 4.93
C LEU C 91 -13.52 -18.46 5.42
N GLU C 92 -13.88 -19.68 5.84
CA GLU C 92 -15.22 -19.92 6.35
C GLU C 92 -15.47 -19.14 7.62
N TYR C 93 -14.48 -19.05 8.51
CA TYR C 93 -14.67 -18.29 9.74
C TYR C 93 -14.89 -16.81 9.44
N LEU C 94 -14.07 -16.24 8.55
CA LEU C 94 -14.24 -14.83 8.21
C LEU C 94 -15.59 -14.59 7.55
N THR C 95 -15.98 -15.48 6.63
CA THR C 95 -17.28 -15.37 5.98
C THR C 95 -18.41 -15.44 7.00
N ALA C 96 -18.32 -16.37 7.95
CA ALA C 96 -19.36 -16.49 8.96
C ALA C 96 -19.43 -15.25 9.85
N GLU C 97 -18.29 -14.69 10.21
CA GLU C 97 -18.30 -13.49 11.06
C GLU C 97 -18.94 -12.31 10.34
N ILE C 98 -18.49 -12.04 9.11
CA ILE C 98 -19.04 -10.90 8.38
C ILE C 98 -20.50 -11.12 8.05
N LEU C 99 -20.89 -12.37 7.74
CA LEU C 99 -22.29 -12.66 7.44
C LEU C 99 -23.16 -12.55 8.68
N GLU C 100 -22.65 -12.93 9.85
CA GLU C 100 -23.40 -12.75 11.08
C GLU C 100 -23.65 -11.28 11.37
N LEU C 101 -22.60 -10.46 11.22
CA LEU C 101 -22.77 -9.02 11.45
C LEU C 101 -23.72 -8.40 10.41
N ALA C 102 -23.61 -8.83 9.15
CA ALA C 102 -24.48 -8.30 8.12
C ALA C 102 -25.93 -8.72 8.32
N GLY C 103 -26.16 -9.95 8.78
CA GLY C 103 -27.51 -10.38 9.11
C GLY C 103 -28.08 -9.62 10.28
N ASN C 104 -27.25 -9.32 11.29
CA ASN C 104 -27.71 -8.46 12.37
C ASN C 104 -28.09 -7.08 11.85
N ALA C 105 -27.27 -6.52 10.96
CA ALA C 105 -27.57 -5.21 10.40
C ALA C 105 -28.86 -5.23 9.59
N ALA C 106 -29.07 -6.30 8.80
CA ALA C 106 -30.30 -6.42 8.03
C ALA C 106 -31.51 -6.55 8.93
N ARG C 107 -31.39 -7.31 10.02
CA ARG C 107 -32.49 -7.43 10.97
C ARG C 107 -32.80 -6.10 11.64
N ASP C 108 -31.75 -5.33 11.97
CA ASP C 108 -31.97 -4.00 12.54
C ASP C 108 -32.61 -3.06 11.53
N ASN C 109 -32.30 -3.23 10.25
CA ASN C 109 -32.93 -2.45 9.19
C ASN C 109 -34.32 -2.97 8.83
N LYS C 110 -34.82 -3.97 9.56
CA LYS C 110 -36.14 -4.55 9.34
C LYS C 110 -36.28 -5.11 7.93
N LYS C 111 -35.25 -5.83 7.48
CA LYS C 111 -35.26 -6.50 6.19
C LYS C 111 -34.73 -7.92 6.37
N THR C 112 -35.11 -8.80 5.45
CA THR C 112 -34.72 -10.20 5.51
C THR C 112 -33.71 -10.58 4.44
N ARG C 113 -33.09 -9.61 3.79
CA ARG C 113 -32.09 -9.89 2.76
C ARG C 113 -30.89 -8.97 2.95
N ILE C 114 -29.70 -9.57 2.97
CA ILE C 114 -28.47 -8.80 3.08
C ILE C 114 -28.20 -8.08 1.78
N ILE C 115 -27.93 -6.77 1.86
CA ILE C 115 -27.60 -5.98 0.68
C ILE C 115 -26.25 -5.32 0.92
N PRO C 116 -25.63 -4.71 -0.10
CA PRO C 116 -24.33 -4.07 0.11
C PRO C 116 -24.35 -3.01 1.21
N ARG C 117 -25.48 -2.34 1.41
CA ARG C 117 -25.56 -1.39 2.53
C ARG C 117 -25.35 -2.11 3.86
N HIS C 118 -25.97 -3.28 4.02
CA HIS C 118 -25.81 -4.04 5.25
C HIS C 118 -24.39 -4.56 5.39
N LEU C 119 -23.79 -5.00 4.29
CA LEU C 119 -22.39 -5.42 4.35
C LEU C 119 -21.48 -4.28 4.79
N GLN C 120 -21.69 -3.09 4.22
CA GLN C 120 -20.88 -1.94 4.61
C GLN C 120 -21.11 -1.58 6.07
N LEU C 121 -22.36 -1.62 6.52
CA LEU C 121 -22.65 -1.32 7.92
C LEU C 121 -21.91 -2.29 8.84
N ALA C 122 -21.99 -3.59 8.54
CA ALA C 122 -21.32 -4.59 9.37
C ALA C 122 -19.81 -4.36 9.39
N VAL C 123 -19.21 -4.17 8.21
CA VAL C 123 -17.76 -4.04 8.12
C VAL C 123 -17.29 -2.80 8.85
N ARG C 124 -17.97 -1.67 8.63
CA ARG C 124 -17.51 -0.41 9.23
C ARG C 124 -17.89 -0.28 10.70
N ASN C 125 -18.82 -1.10 11.19
CA ASN C 125 -19.13 -1.09 12.61
C ASN C 125 -18.21 -2.01 13.41
N ASP C 126 -17.83 -3.15 12.84
CA ASP C 126 -16.86 -4.02 13.52
C ASP C 126 -15.47 -3.43 13.38
N GLU C 127 -14.81 -3.17 14.50
CA GLU C 127 -13.50 -2.51 14.48
C GLU C 127 -12.46 -3.37 13.76
N GLU C 128 -12.42 -4.66 14.07
CA GLU C 128 -11.41 -5.53 13.47
C GLU C 128 -11.67 -5.74 11.99
N LEU C 129 -12.94 -5.90 11.60
CA LEU C 129 -13.25 -6.02 10.17
C LEU C 129 -12.94 -4.73 9.43
N ASN C 130 -13.16 -3.58 10.07
CA ASN C 130 -12.80 -2.31 9.46
C ASN C 130 -11.28 -2.21 9.27
N LYS C 131 -10.51 -2.67 10.24
CA LYS C 131 -9.06 -2.63 10.11
C LYS C 131 -8.58 -3.61 9.04
N LEU C 132 -9.27 -4.74 8.90
CA LEU C 132 -8.91 -5.70 7.86
C LEU C 132 -9.25 -5.19 6.47
N LEU C 133 -10.36 -4.44 6.36
CA LEU C 133 -10.85 -3.94 5.08
C LEU C 133 -10.82 -2.42 5.04
N GLY C 134 -9.70 -1.83 5.48
CA GLY C 134 -9.58 -0.38 5.48
C GLY C 134 -9.28 0.22 4.14
N ARG C 135 -8.64 -0.53 3.25
CA ARG C 135 -8.34 -0.08 1.89
C ARG C 135 -9.32 -0.65 0.88
N VAL C 136 -10.58 -0.77 1.27
CA VAL C 136 -11.60 -1.44 0.47
C VAL C 136 -12.83 -0.54 0.38
N THR C 137 -13.35 -0.38 -0.83
CA THR C 137 -14.63 0.27 -1.07
C THR C 137 -15.65 -0.80 -1.45
N ILE C 138 -16.78 -0.81 -0.77
CA ILE C 138 -17.86 -1.76 -1.02
C ILE C 138 -18.86 -1.08 -1.95
N ALA C 139 -19.10 -1.68 -3.12
CA ALA C 139 -19.91 -1.04 -4.14
C ALA C 139 -21.33 -0.83 -3.65
N GLN C 140 -21.83 0.39 -3.83
CA GLN C 140 -23.19 0.77 -3.43
C GLN C 140 -23.43 0.48 -1.95
N GLY C 141 -22.42 0.74 -1.13
CA GLY C 141 -22.52 0.49 0.29
C GLY C 141 -22.76 1.73 1.12
N GLY C 142 -22.54 2.90 0.52
CA GLY C 142 -22.72 4.12 1.29
C GLY C 142 -21.61 4.31 2.32
N VAL C 143 -21.90 5.16 3.30
CA VAL C 143 -20.97 5.46 4.37
C VAL C 143 -21.70 5.36 5.70
N LEU C 144 -20.91 5.33 6.78
CA LEU C 144 -21.48 5.34 8.12
C LEU C 144 -22.12 6.69 8.41
N PRO C 145 -23.34 6.73 8.93
CA PRO C 145 -23.93 8.02 9.29
C PRO C 145 -23.26 8.66 10.49
N ASN C 146 -22.48 9.71 10.25
CA ASN C 146 -21.83 10.46 11.32
C ASN C 146 -21.81 11.93 10.97
N ILE C 147 -22.15 12.77 11.95
CA ILE C 147 -22.08 14.22 11.82
C ILE C 147 -21.22 14.75 12.94
N GLN C 148 -20.32 15.68 12.61
CA GLN C 148 -19.39 16.19 13.62
C GLN C 148 -20.12 17.01 14.67
N SER C 149 -19.59 16.98 15.89
CA SER C 149 -20.23 17.64 17.01
C SER C 149 -20.24 19.16 16.82
N VAL C 150 -19.14 19.72 16.32
CA VAL C 150 -19.10 21.15 16.07
C VAL C 150 -20.03 21.53 14.92
N LEU C 151 -20.36 20.59 14.05
CA LEU C 151 -21.31 20.83 12.97
C LEU C 151 -22.76 20.66 13.43
N LEU C 152 -22.99 19.96 14.53
CA LEU C 152 -24.32 19.90 15.11
C LEU C 152 -24.74 21.30 15.56
N PRO C 153 -26.04 21.60 15.53
CA PRO C 153 -26.50 22.94 15.88
C PRO C 153 -26.52 23.17 17.39
N LYS C 154 -26.68 24.44 17.75
CA LYS C 154 -26.86 24.83 19.14
C LYS C 154 -27.47 26.22 19.23
N ARG D 28 -24.55 -23.12 -23.53
CA ARG D 28 -23.41 -23.90 -23.06
C ARG D 28 -22.10 -23.12 -23.23
N LYS D 29 -21.60 -22.57 -22.14
CA LYS D 29 -20.35 -21.81 -22.14
C LYS D 29 -19.47 -22.31 -20.99
N THR D 30 -18.26 -21.77 -20.93
CA THR D 30 -17.33 -22.10 -19.85
C THR D 30 -17.93 -21.73 -18.50
N ARG D 31 -17.83 -22.65 -17.55
CA ARG D 31 -18.39 -22.42 -16.22
C ARG D 31 -17.51 -21.47 -15.44
N LYS D 32 -18.12 -20.44 -14.85
CA LYS D 32 -17.43 -19.48 -14.01
C LYS D 32 -17.66 -19.86 -12.55
N GLU D 33 -16.63 -20.38 -11.90
CA GLU D 33 -16.75 -20.85 -10.53
C GLU D 33 -16.97 -19.67 -9.58
N SER D 34 -17.66 -19.95 -8.47
CA SER D 34 -17.88 -18.95 -7.44
C SER D 34 -18.21 -19.66 -6.13
N TYR D 35 -18.09 -18.93 -5.04
CA TYR D 35 -18.43 -19.43 -3.71
C TYR D 35 -19.88 -19.17 -3.35
N ALA D 36 -20.77 -19.09 -4.34
CA ALA D 36 -22.15 -18.70 -4.07
C ALA D 36 -22.82 -19.69 -3.13
N ILE D 37 -22.74 -20.98 -3.45
CA ILE D 37 -23.43 -21.99 -2.65
C ILE D 37 -22.80 -22.09 -1.26
N TYR D 38 -21.48 -21.97 -1.17
CA TYR D 38 -20.83 -22.07 0.13
C TYR D 38 -21.18 -20.88 1.03
N VAL D 39 -21.19 -19.67 0.46
CA VAL D 39 -21.58 -18.50 1.24
C VAL D 39 -23.05 -18.59 1.64
N TYR D 40 -23.90 -19.16 0.77
CA TYR D 40 -25.30 -19.33 1.12
C TYR D 40 -25.46 -20.36 2.24
N LYS D 41 -24.69 -21.45 2.21
CA LYS D 41 -24.74 -22.42 3.29
C LYS D 41 -24.29 -21.82 4.61
N VAL D 42 -23.21 -21.03 4.59
CA VAL D 42 -22.74 -20.39 5.80
C VAL D 42 -23.77 -19.41 6.34
N LEU D 43 -24.40 -18.64 5.43
CA LEU D 43 -25.45 -17.74 5.85
C LEU D 43 -26.63 -18.49 6.46
N LYS D 44 -26.98 -19.63 5.89
CA LYS D 44 -28.08 -20.43 6.44
C LYS D 44 -27.73 -20.96 7.82
N GLN D 45 -26.49 -21.41 8.02
CA GLN D 45 -26.11 -21.93 9.33
C GLN D 45 -25.93 -20.82 10.36
N VAL D 46 -25.72 -19.58 9.94
CA VAL D 46 -25.58 -18.48 10.89
C VAL D 46 -26.94 -17.86 11.19
N HIS D 47 -27.58 -17.30 10.16
CA HIS D 47 -28.94 -16.78 10.23
C HIS D 47 -29.85 -17.70 9.43
N PRO D 48 -30.67 -18.53 10.08
CA PRO D 48 -31.47 -19.51 9.31
C PRO D 48 -32.57 -18.89 8.46
N ASP D 49 -32.98 -17.65 8.74
CA ASP D 49 -34.11 -17.03 8.07
C ASP D 49 -33.70 -15.72 7.38
N THR D 50 -32.57 -15.74 6.68
CA THR D 50 -32.05 -14.56 6.02
C THR D 50 -31.64 -14.92 4.60
N GLY D 51 -31.94 -14.02 3.65
CA GLY D 51 -31.49 -14.15 2.29
C GLY D 51 -30.31 -13.25 1.99
N ILE D 52 -29.89 -13.27 0.73
CA ILE D 52 -28.77 -12.43 0.29
C ILE D 52 -28.96 -12.10 -1.18
N SER D 53 -28.97 -10.81 -1.50
CA SER D 53 -29.23 -10.35 -2.85
C SER D 53 -28.03 -10.67 -3.75
N SER D 54 -28.24 -10.50 -5.06
CA SER D 54 -27.20 -10.81 -6.03
C SER D 54 -25.99 -9.90 -5.86
N LYS D 55 -26.22 -8.60 -5.62
CA LYS D 55 -25.12 -7.67 -5.42
C LYS D 55 -24.32 -8.03 -4.17
N ALA D 56 -25.01 -8.37 -3.08
CA ALA D 56 -24.31 -8.77 -1.86
C ALA D 56 -23.55 -10.06 -2.06
N MET D 57 -24.11 -10.99 -2.82
CA MET D 57 -23.40 -12.24 -3.11
C MET D 57 -22.14 -11.98 -3.94
N SER D 58 -22.22 -11.06 -4.91
CA SER D 58 -21.04 -10.72 -5.68
C SER D 58 -19.98 -10.07 -4.80
N ILE D 59 -20.39 -9.19 -3.89
CA ILE D 59 -19.45 -8.57 -2.97
C ILE D 59 -18.82 -9.60 -2.05
N MET D 60 -19.60 -10.59 -1.61
CA MET D 60 -19.07 -11.65 -0.78
C MET D 60 -18.05 -12.50 -1.53
N ASN D 61 -18.35 -12.82 -2.80
CA ASN D 61 -17.39 -13.57 -3.61
C ASN D 61 -16.09 -12.78 -3.78
N SER D 62 -16.20 -11.49 -4.04
CA SER D 62 -15.00 -10.65 -4.16
C SER D 62 -14.22 -10.62 -2.86
N PHE D 63 -14.92 -10.52 -1.72
CA PHE D 63 -14.25 -10.51 -0.43
C PHE D 63 -13.52 -11.82 -0.16
N VAL D 64 -14.16 -12.95 -0.46
CA VAL D 64 -13.52 -14.24 -0.24
C VAL D 64 -12.29 -14.39 -1.12
N ASN D 65 -12.40 -13.99 -2.39
CA ASN D 65 -11.25 -14.08 -3.29
C ASN D 65 -10.13 -13.14 -2.83
N ASP D 66 -10.49 -11.96 -2.34
CA ASP D 66 -9.48 -11.01 -1.88
C ASP D 66 -8.73 -11.55 -0.67
N VAL D 67 -9.45 -12.12 0.30
CA VAL D 67 -8.79 -12.67 1.47
C VAL D 67 -7.94 -13.88 1.10
N PHE D 68 -8.44 -14.71 0.17
CA PHE D 68 -7.62 -15.82 -0.33
C PHE D 68 -6.32 -15.32 -0.92
N GLU D 69 -6.39 -14.28 -1.76
CA GLU D 69 -5.19 -13.74 -2.38
C GLU D 69 -4.23 -13.19 -1.33
N ARG D 70 -4.76 -12.45 -0.35
CA ARG D 70 -3.90 -11.91 0.70
C ARG D 70 -3.16 -13.03 1.44
N ILE D 71 -3.90 -14.03 1.90
CA ILE D 71 -3.29 -15.09 2.70
C ILE D 71 -2.31 -15.91 1.87
N ALA D 72 -2.66 -16.23 0.63
CA ALA D 72 -1.78 -17.06 -0.18
C ALA D 72 -0.53 -16.29 -0.61
N GLY D 73 -0.65 -14.99 -0.87
CA GLY D 73 0.52 -14.20 -1.17
C GLY D 73 1.45 -14.08 0.03
N GLU D 74 0.88 -13.91 1.22
CA GLU D 74 1.70 -13.89 2.42
C GLU D 74 2.40 -15.23 2.64
N ALA D 75 1.68 -16.32 2.38
CA ALA D 75 2.29 -17.65 2.52
C ALA D 75 3.41 -17.86 1.50
N SER D 76 3.23 -17.36 0.28
CA SER D 76 4.28 -17.43 -0.72
C SER D 76 5.51 -16.65 -0.27
N ARG D 77 5.30 -15.45 0.27
CA ARG D 77 6.42 -14.67 0.79
C ARG D 77 7.14 -15.41 1.90
N LEU D 78 6.39 -16.03 2.82
CA LEU D 78 7.02 -16.78 3.90
C LEU D 78 7.83 -17.95 3.38
N ALA D 79 7.28 -18.70 2.43
CA ALA D 79 8.00 -19.84 1.87
C ALA D 79 9.27 -19.38 1.16
N HIS D 80 9.20 -18.28 0.43
CA HIS D 80 10.39 -17.77 -0.23
C HIS D 80 11.43 -17.31 0.79
N TYR D 81 11.00 -16.63 1.85
CA TYR D 81 11.93 -16.11 2.84
C TYR D 81 12.65 -17.24 3.58
N ASN D 82 11.91 -18.27 3.96
CA ASN D 82 12.52 -19.40 4.66
C ASN D 82 13.20 -20.38 3.73
N LYS D 83 13.38 -20.02 2.46
CA LYS D 83 14.03 -20.86 1.46
C LYS D 83 13.32 -22.21 1.33
N ARG D 84 12.03 -22.23 1.60
CA ARG D 84 11.20 -23.41 1.45
C ARG D 84 10.56 -23.44 0.07
N SER D 85 10.07 -24.61 -0.32
CA SER D 85 9.35 -24.78 -1.57
C SER D 85 7.96 -25.36 -1.36
N THR D 86 7.41 -25.25 -0.16
CA THR D 86 6.11 -25.80 0.14
C THR D 86 5.35 -24.83 1.02
N ILE D 87 4.03 -24.75 0.81
CA ILE D 87 3.13 -23.97 1.65
C ILE D 87 2.44 -24.93 2.58
N THR D 88 2.78 -24.86 3.86
CA THR D 88 2.24 -25.78 4.86
C THR D 88 1.25 -25.07 5.76
N SER D 89 0.62 -25.85 6.63
CA SER D 89 -0.30 -25.29 7.61
C SER D 89 0.38 -24.25 8.48
N ARG D 90 1.67 -24.45 8.78
CA ARG D 90 2.41 -23.47 9.56
C ARG D 90 2.56 -22.16 8.81
N GLU D 91 2.87 -22.23 7.51
CA GLU D 91 2.94 -21.02 6.70
C GLU D 91 1.60 -20.29 6.66
N ILE D 92 0.51 -21.05 6.49
CA ILE D 92 -0.81 -20.43 6.45
C ILE D 92 -1.15 -19.78 7.78
N GLN D 93 -0.80 -20.44 8.88
CA GLN D 93 -1.10 -19.89 10.20
C GLN D 93 -0.30 -18.62 10.47
N THR D 94 0.97 -18.60 10.09
CA THR D 94 1.76 -17.39 10.26
C THR D 94 1.22 -16.26 9.39
N ALA D 95 0.80 -16.58 8.16
CA ALA D 95 0.19 -15.58 7.31
C ALA D 95 -1.08 -15.02 7.92
N VAL D 96 -1.91 -15.90 8.50
CA VAL D 96 -3.14 -15.46 9.15
C VAL D 96 -2.83 -14.55 10.33
N ARG D 97 -1.83 -14.90 11.14
CA ARG D 97 -1.44 -14.06 12.27
C ARG D 97 -0.94 -12.70 11.79
N LEU D 98 -0.17 -12.68 10.70
CA LEU D 98 0.35 -11.43 10.18
C LEU D 98 -0.76 -10.54 9.64
N LEU D 99 -1.75 -11.12 8.96
CA LEU D 99 -2.78 -10.33 8.29
C LEU D 99 -3.92 -9.94 9.22
N LEU D 100 -4.57 -10.92 9.83
CA LEU D 100 -5.79 -10.62 10.58
C LEU D 100 -5.44 -9.95 11.92
N PRO D 101 -6.20 -8.92 12.31
CA PRO D 101 -5.84 -8.16 13.53
C PRO D 101 -6.37 -8.73 14.84
N GLY D 102 -5.47 -9.12 15.73
CA GLY D 102 -5.86 -9.38 17.12
C GLY D 102 -6.82 -10.55 17.27
N GLU D 103 -8.01 -10.25 17.81
CA GLU D 103 -8.98 -11.30 18.12
C GLU D 103 -9.39 -12.07 16.87
N LEU D 104 -9.46 -11.39 15.72
CA LEU D 104 -9.73 -12.11 14.47
C LEU D 104 -8.65 -13.13 14.20
N ALA D 105 -7.38 -12.75 14.40
CA ALA D 105 -6.28 -13.69 14.21
C ALA D 105 -6.37 -14.86 15.18
N LYS D 106 -6.71 -14.58 16.44
CA LYS D 106 -6.80 -15.65 17.43
C LYS D 106 -7.90 -16.64 17.08
N HIS D 107 -9.11 -16.13 16.78
CA HIS D 107 -10.21 -17.01 16.42
C HIS D 107 -9.93 -17.77 15.14
N ALA D 108 -9.32 -17.11 14.16
CA ALA D 108 -9.01 -17.76 12.89
C ALA D 108 -7.98 -18.87 13.09
N VAL D 109 -6.98 -18.62 13.92
CA VAL D 109 -5.98 -19.65 14.22
C VAL D 109 -6.64 -20.83 14.93
N SER D 110 -7.52 -20.54 15.90
CA SER D 110 -8.19 -21.63 16.61
C SER D 110 -9.03 -22.47 15.66
N GLU D 111 -9.81 -21.83 14.79
CA GLU D 111 -10.66 -22.57 13.87
C GLU D 111 -9.84 -23.36 12.86
N GLY D 112 -8.77 -22.76 12.34
CA GLY D 112 -7.92 -23.48 11.41
C GLY D 112 -7.26 -24.69 12.05
N THR D 113 -6.77 -24.53 13.28
CA THR D 113 -6.17 -25.66 13.99
C THR D 113 -7.20 -26.75 14.25
N LYS D 114 -8.40 -26.37 14.67
CA LYS D 114 -9.46 -27.36 14.92
C LYS D 114 -9.79 -28.12 13.64
N ALA D 115 -9.92 -27.41 12.53
CA ALA D 115 -10.24 -28.07 11.27
C ALA D 115 -9.11 -28.98 10.81
N VAL D 116 -7.86 -28.55 10.98
CA VAL D 116 -6.73 -29.36 10.57
C VAL D 116 -6.65 -30.64 11.39
N THR D 117 -6.84 -30.53 12.70
CA THR D 117 -6.82 -31.73 13.55
C THR D 117 -7.98 -32.66 13.20
N LYS D 118 -9.17 -32.11 12.98
CA LYS D 118 -10.31 -32.94 12.61
C LYS D 118 -10.08 -33.61 11.26
N TYR D 119 -9.35 -32.96 10.36
CA TYR D 119 -9.02 -33.58 9.08
C TYR D 119 -8.03 -34.72 9.27
N THR D 120 -6.97 -34.49 10.05
CA THR D 120 -5.94 -35.51 10.21
C THR D 120 -6.45 -36.70 11.01
N SER D 121 -7.45 -36.49 11.87
CA SER D 121 -8.02 -37.61 12.61
C SER D 121 -8.70 -38.60 11.67
N ALA D 122 -9.43 -38.08 10.68
CA ALA D 122 -10.09 -38.92 9.68
C ALA D 122 -9.10 -39.39 8.63
N PRO E 39 -43.92 32.99 5.06
CA PRO E 39 -42.53 32.56 4.86
C PRO E 39 -42.07 31.58 5.95
N HIS E 40 -41.48 30.47 5.53
CA HIS E 40 -40.94 29.47 6.45
C HIS E 40 -39.53 29.09 6.03
N ARG E 41 -38.70 30.10 5.79
CA ARG E 41 -37.30 29.84 5.48
C ARG E 41 -36.59 29.22 6.67
N TYR E 42 -35.89 28.12 6.43
CA TYR E 42 -35.09 27.51 7.48
C TYR E 42 -33.81 28.30 7.70
N ARG E 43 -33.23 28.10 8.88
CA ARG E 43 -31.97 28.74 9.20
C ARG E 43 -30.85 28.17 8.34
N PRO E 44 -29.75 28.91 8.17
CA PRO E 44 -28.69 28.45 7.27
C PRO E 44 -27.88 27.29 7.83
N GLY E 45 -28.36 26.07 7.62
CA GLY E 45 -27.64 24.90 8.08
C GLY E 45 -28.52 23.75 8.49
N THR E 46 -29.80 24.03 8.77
CA THR E 46 -30.73 22.96 9.10
C THR E 46 -31.00 22.07 7.89
N VAL E 47 -31.24 22.68 6.73
CA VAL E 47 -31.42 21.91 5.50
C VAL E 47 -30.13 21.20 5.13
N ALA E 48 -28.98 21.84 5.39
CA ALA E 48 -27.70 21.17 5.14
C ALA E 48 -27.55 19.92 5.99
N LEU E 49 -27.90 20.00 7.27
CA LEU E 49 -27.85 18.82 8.13
C LEU E 49 -28.83 17.76 7.68
N ARG E 50 -30.03 18.18 7.25
CA ARG E 50 -31.01 17.24 6.71
C ARG E 50 -30.46 16.51 5.48
N GLU E 51 -29.78 17.25 4.60
CA GLU E 51 -29.17 16.63 3.42
C GLU E 51 -28.05 15.68 3.83
N ILE E 52 -27.25 16.06 4.83
CA ILE E 52 -26.19 15.17 5.29
C ILE E 52 -26.78 13.85 5.76
N ARG E 53 -27.83 13.92 6.57
CA ARG E 53 -28.48 12.71 7.05
C ARG E 53 -29.08 11.90 5.89
N ARG E 54 -29.73 12.58 4.94
CA ARG E 54 -30.35 11.88 3.82
C ARG E 54 -29.31 11.14 2.98
N TYR E 55 -28.22 11.81 2.64
CA TYR E 55 -27.23 11.20 1.76
C TYR E 55 -26.36 10.18 2.47
N GLN E 56 -26.17 10.31 3.78
CA GLN E 56 -25.50 9.26 4.52
C GLN E 56 -26.40 8.05 4.76
N LYS E 57 -27.72 8.24 4.78
CA LYS E 57 -28.64 7.11 4.84
C LYS E 57 -28.72 6.39 3.49
N SER E 58 -28.76 7.15 2.39
CA SER E 58 -28.98 6.56 1.08
C SER E 58 -27.71 5.85 0.60
N THR E 59 -27.82 5.20 -0.56
CA THR E 59 -26.71 4.44 -1.09
C THR E 59 -26.54 4.56 -2.60
N GLU E 60 -27.19 5.51 -3.26
CA GLU E 60 -27.15 5.60 -4.71
C GLU E 60 -25.86 6.28 -5.18
N LEU E 61 -25.83 6.63 -6.46
CA LEU E 61 -24.72 7.36 -7.05
C LEU E 61 -25.09 8.84 -7.16
N LEU E 62 -24.26 9.70 -6.60
CA LEU E 62 -24.56 11.12 -6.51
C LEU E 62 -24.24 11.90 -7.78
N ILE E 63 -23.48 11.32 -8.71
CA ILE E 63 -23.09 11.99 -9.94
C ILE E 63 -23.92 11.41 -11.07
N ARG E 64 -24.35 12.27 -11.99
CA ARG E 64 -25.18 11.84 -13.10
C ARG E 64 -24.40 10.93 -14.05
N LYS E 65 -25.07 9.84 -14.46
CA LYS E 65 -24.38 8.76 -15.15
C LYS E 65 -23.90 9.18 -16.53
N LEU E 66 -24.77 9.82 -17.33
CA LEU E 66 -24.33 10.25 -18.66
C LEU E 66 -23.24 11.30 -18.61
N PRO E 67 -23.33 12.37 -17.80
CA PRO E 67 -22.20 13.29 -17.71
C PRO E 67 -20.91 12.62 -17.24
N PHE E 68 -20.99 11.72 -16.27
CA PHE E 68 -19.77 11.07 -15.81
C PHE E 68 -19.20 10.16 -16.90
N GLN E 69 -20.06 9.45 -17.63
CA GLN E 69 -19.60 8.60 -18.71
C GLN E 69 -18.93 9.41 -19.80
N ARG E 70 -19.50 10.56 -20.15
CA ARG E 70 -18.89 11.42 -21.15
C ARG E 70 -17.54 11.95 -20.68
N LEU E 71 -17.44 12.29 -19.39
CA LEU E 71 -16.15 12.71 -18.84
C LEU E 71 -15.13 11.59 -18.94
N VAL E 72 -15.52 10.37 -18.62
CA VAL E 72 -14.61 9.24 -18.70
C VAL E 72 -14.14 9.02 -20.13
N ARG E 73 -15.06 9.12 -21.09
CA ARG E 73 -14.68 8.92 -22.48
C ARG E 73 -13.78 10.05 -22.98
N GLU E 74 -14.05 11.28 -22.57
CA GLU E 74 -13.17 12.39 -22.93
C GLU E 74 -11.77 12.18 -22.39
N ILE E 75 -11.66 11.74 -21.13
CA ILE E 75 -10.35 11.49 -20.55
C ILE E 75 -9.65 10.36 -21.29
N ALA E 76 -10.38 9.27 -21.59
CA ALA E 76 -9.78 8.12 -22.24
C ALA E 76 -9.45 8.37 -23.70
N GLN E 77 -9.98 9.44 -24.31
CA GLN E 77 -9.60 9.78 -25.66
C GLN E 77 -8.10 10.01 -25.78
N ASP E 78 -7.51 10.68 -24.79
CA ASP E 78 -6.09 11.02 -24.84
C ASP E 78 -5.17 9.81 -24.69
N PHE E 79 -5.71 8.65 -24.32
CA PHE E 79 -4.88 7.46 -24.09
C PHE E 79 -4.93 6.47 -25.25
N LYS E 80 -6.11 6.22 -25.80
CA LYS E 80 -6.24 5.31 -26.93
C LYS E 80 -7.51 5.69 -27.69
N THR E 81 -7.38 6.05 -28.95
CA THR E 81 -8.54 6.44 -29.73
C THR E 81 -9.39 5.22 -30.08
N ASP E 82 -10.68 5.45 -30.26
CA ASP E 82 -11.66 4.41 -30.56
C ASP E 82 -11.68 3.34 -29.46
N LEU E 83 -12.09 3.77 -28.28
CA LEU E 83 -12.22 2.90 -27.12
C LEU E 83 -13.69 2.66 -26.81
N ARG E 84 -14.00 1.45 -26.34
CA ARG E 84 -15.34 1.06 -25.96
C ARG E 84 -15.35 0.67 -24.49
N PHE E 85 -16.34 1.17 -23.76
CA PHE E 85 -16.44 0.94 -22.32
C PHE E 85 -17.69 0.12 -22.01
N GLN E 86 -17.51 -0.94 -21.24
CA GLN E 86 -18.66 -1.66 -20.71
C GLN E 86 -19.41 -0.78 -19.71
N SER E 87 -20.72 -1.02 -19.62
CA SER E 87 -21.51 -0.33 -18.61
C SER E 87 -21.02 -0.67 -17.22
N SER E 88 -20.60 -1.93 -17.01
CA SER E 88 -20.02 -2.33 -15.73
C SER E 88 -18.73 -1.56 -15.46
N ALA E 89 -17.91 -1.36 -16.48
CA ALA E 89 -16.68 -0.60 -16.29
C ALA E 89 -16.94 0.85 -15.93
N VAL E 90 -17.90 1.49 -16.61
CA VAL E 90 -18.23 2.88 -16.30
C VAL E 90 -18.79 2.97 -14.89
N MET E 91 -19.65 2.02 -14.49
CA MET E 91 -20.20 2.04 -13.15
C MET E 91 -19.13 1.79 -12.09
N ALA E 92 -18.17 0.91 -12.38
CA ALA E 92 -17.08 0.69 -11.44
C ALA E 92 -16.25 1.95 -11.26
N LEU E 93 -15.95 2.65 -12.35
CA LEU E 93 -15.23 3.91 -12.25
C LEU E 93 -16.02 4.92 -11.44
N GLN E 94 -17.34 4.99 -11.65
CA GLN E 94 -18.16 5.96 -10.92
C GLN E 94 -18.20 5.65 -9.44
N GLU E 95 -18.35 4.37 -9.08
CA GLU E 95 -18.36 4.01 -7.67
C GLU E 95 -17.03 4.33 -7.01
N ALA E 96 -15.92 4.00 -7.68
CA ALA E 96 -14.61 4.30 -7.11
C ALA E 96 -14.42 5.80 -6.95
N SER E 97 -14.80 6.58 -7.96
CA SER E 97 -14.60 8.02 -7.90
C SER E 97 -15.44 8.66 -6.81
N GLU E 98 -16.70 8.23 -6.68
CA GLU E 98 -17.55 8.81 -5.63
C GLU E 98 -17.07 8.43 -4.25
N ALA E 99 -16.63 7.17 -4.06
CA ALA E 99 -16.09 6.79 -2.76
C ALA E 99 -14.84 7.60 -2.43
N TYR E 100 -13.95 7.80 -3.41
CA TYR E 100 -12.75 8.59 -3.19
C TYR E 100 -13.11 10.03 -2.82
N LEU E 101 -14.05 10.63 -3.54
CA LEU E 101 -14.40 12.03 -3.27
C LEU E 101 -15.08 12.18 -1.92
N VAL E 102 -15.90 11.20 -1.52
CA VAL E 102 -16.54 11.28 -0.21
C VAL E 102 -15.50 11.15 0.89
N ALA E 103 -14.54 10.23 0.75
CA ALA E 103 -13.49 10.12 1.76
C ALA E 103 -12.65 11.40 1.83
N LEU E 104 -12.33 11.97 0.67
CA LEU E 104 -11.56 13.20 0.64
C LEU E 104 -12.33 14.35 1.29
N PHE E 105 -13.65 14.37 1.11
CA PHE E 105 -14.45 15.42 1.74
C PHE E 105 -14.56 15.21 3.26
N GLU E 106 -14.55 13.96 3.71
CA GLU E 106 -14.47 13.71 5.15
C GLU E 106 -13.17 14.27 5.73
N ASP E 107 -12.05 13.96 5.07
CA ASP E 107 -10.76 14.48 5.54
C ASP E 107 -10.68 16.00 5.44
N THR E 108 -11.27 16.56 4.39
CA THR E 108 -11.33 18.01 4.23
C THR E 108 -12.13 18.66 5.35
N ASN E 109 -13.26 18.05 5.71
CA ASN E 109 -14.05 18.57 6.83
C ASN E 109 -13.26 18.49 8.12
N LEU E 110 -12.51 17.40 8.32
CA LEU E 110 -11.65 17.31 9.51
C LEU E 110 -10.64 18.45 9.55
N CYS E 111 -10.00 18.74 8.42
CA CYS E 111 -9.02 19.83 8.38
C CYS E 111 -9.69 21.18 8.65
N ALA E 112 -10.86 21.40 8.07
CA ALA E 112 -11.56 22.68 8.27
C ALA E 112 -11.96 22.86 9.72
N ILE E 113 -12.42 21.80 10.37
CA ILE E 113 -12.76 21.90 11.80
C ILE E 113 -11.50 22.10 12.63
N HIS E 114 -10.39 21.48 12.22
CA HIS E 114 -9.12 21.73 12.91
C HIS E 114 -8.75 23.20 12.85
N ALA E 115 -8.93 23.83 11.70
CA ALA E 115 -8.68 25.26 11.59
C ALA E 115 -9.77 26.11 12.25
N LYS E 116 -10.69 25.50 13.00
CA LYS E 116 -11.80 26.20 13.66
C LYS E 116 -12.68 26.94 12.64
N ARG E 117 -13.15 26.17 11.67
CA ARG E 117 -14.08 26.65 10.65
C ARG E 117 -15.08 25.54 10.34
N VAL E 118 -16.31 25.94 10.01
CA VAL E 118 -17.30 25.00 9.53
C VAL E 118 -17.35 24.91 8.02
N THR E 119 -16.63 25.79 7.32
CA THR E 119 -16.58 25.81 5.87
C THR E 119 -15.34 25.08 5.39
N ILE E 120 -15.51 24.19 4.41
CA ILE E 120 -14.34 23.58 3.77
C ILE E 120 -13.84 24.51 2.68
N MET E 121 -12.53 24.51 2.49
CA MET E 121 -11.89 25.43 1.56
C MET E 121 -10.89 24.69 0.71
N PRO E 122 -10.52 25.25 -0.45
CA PRO E 122 -9.49 24.60 -1.28
C PRO E 122 -8.19 24.38 -0.55
N LYS E 123 -7.84 25.25 0.42
CA LYS E 123 -6.66 24.98 1.23
C LYS E 123 -6.87 23.77 2.13
N ASP E 124 -8.09 23.56 2.63
CA ASP E 124 -8.38 22.33 3.36
C ASP E 124 -8.20 21.11 2.47
N ILE E 125 -8.70 21.18 1.23
CA ILE E 125 -8.53 20.05 0.31
C ILE E 125 -7.05 19.81 0.05
N GLN E 126 -6.29 20.88 -0.17
CA GLN E 126 -4.87 20.75 -0.47
C GLN E 126 -4.11 20.17 0.72
N LEU E 127 -4.44 20.61 1.94
CA LEU E 127 -3.78 20.05 3.12
C LEU E 127 -4.09 18.57 3.26
N ALA E 128 -5.35 18.19 3.07
CA ALA E 128 -5.71 16.78 3.18
C ALA E 128 -4.95 15.95 2.16
N ARG E 129 -4.89 16.42 0.90
CA ARG E 129 -4.18 15.68 -0.12
C ARG E 129 -2.68 15.63 0.15
N ARG E 130 -2.11 16.72 0.64
CA ARG E 130 -0.68 16.76 0.93
C ARG E 130 -0.33 15.79 2.05
N ILE E 131 -1.14 15.73 3.10
CA ILE E 131 -0.88 14.79 4.18
C ILE E 131 -1.06 13.35 3.70
N ARG E 132 -2.14 13.09 2.94
CA ARG E 132 -2.33 11.76 2.38
C ARG E 132 -1.23 11.36 1.41
N GLY E 133 -0.51 12.34 0.86
CA GLY E 133 0.58 12.08 -0.06
C GLY E 133 0.23 12.21 -1.52
N GLU E 134 -0.98 12.65 -1.85
CA GLU E 134 -1.36 12.78 -3.25
C GLU E 134 -0.70 14.00 -3.90
N ARG E 135 -0.57 15.09 -3.17
CA ARG E 135 0.11 16.28 -3.69
C ARG E 135 1.31 16.62 -2.81
N HIS F 19 -19.79 7.01 -37.18
CA HIS F 19 -19.92 8.30 -36.53
C HIS F 19 -18.66 8.64 -35.74
N ARG F 20 -17.82 9.50 -36.31
CA ARG F 20 -16.54 9.90 -35.69
C ARG F 20 -16.73 11.26 -35.03
N LYS F 21 -16.87 11.27 -33.71
CA LYS F 21 -17.12 12.49 -32.96
C LYS F 21 -16.14 12.59 -31.81
N VAL F 22 -15.91 13.83 -31.37
CA VAL F 22 -14.95 14.15 -30.33
C VAL F 22 -15.66 14.90 -29.21
N LEU F 23 -15.47 14.47 -27.98
CA LEU F 23 -16.03 15.13 -26.81
C LEU F 23 -14.97 16.01 -26.16
N ARG F 24 -15.42 17.13 -25.58
CA ARG F 24 -14.51 18.08 -24.97
C ARG F 24 -15.22 18.84 -23.86
N ASP F 25 -14.46 19.14 -22.81
CA ASP F 25 -14.92 19.94 -21.67
C ASP F 25 -16.18 19.34 -21.03
N ASN F 26 -16.07 18.06 -20.67
CA ASN F 26 -17.13 17.40 -19.92
C ASN F 26 -16.94 17.50 -18.42
N ILE F 27 -15.82 18.08 -17.96
CA ILE F 27 -15.60 18.22 -16.53
C ILE F 27 -16.66 19.13 -15.91
N GLN F 28 -17.22 20.04 -16.69
CA GLN F 28 -18.35 20.83 -16.24
C GLN F 28 -19.64 20.01 -16.17
N GLY F 29 -19.62 18.78 -16.68
CA GLY F 29 -20.74 17.88 -16.48
C GLY F 29 -20.86 17.39 -15.04
N ILE F 30 -19.78 17.48 -14.27
CA ILE F 30 -19.84 17.26 -12.83
C ILE F 30 -20.34 18.56 -12.22
N THR F 31 -21.65 18.67 -12.06
CA THR F 31 -22.26 19.94 -11.72
C THR F 31 -21.98 20.32 -10.27
N LYS F 32 -22.20 21.59 -9.97
CA LYS F 32 -22.08 22.06 -8.60
C LYS F 32 -23.01 21.32 -7.64
N PRO F 33 -24.29 21.03 -7.96
CA PRO F 33 -25.09 20.21 -7.05
C PRO F 33 -24.52 18.82 -6.81
N ALA F 34 -23.88 18.20 -7.80
CA ALA F 34 -23.30 16.88 -7.58
C ALA F 34 -22.16 16.93 -6.58
N ILE F 35 -21.28 17.92 -6.71
CA ILE F 35 -20.19 18.08 -5.76
C ILE F 35 -20.74 18.41 -4.38
N ARG F 36 -21.81 19.21 -4.32
CA ARG F 36 -22.44 19.51 -3.06
C ARG F 36 -22.99 18.25 -2.40
N ARG F 37 -23.60 17.36 -3.19
CA ARG F 37 -24.13 16.10 -2.64
C ARG F 37 -23.01 15.20 -2.15
N LEU F 38 -21.89 15.14 -2.89
CA LEU F 38 -20.75 14.36 -2.43
C LEU F 38 -20.20 14.90 -1.12
N ALA F 39 -20.11 16.22 -0.99
CA ALA F 39 -19.65 16.82 0.26
C ALA F 39 -20.64 16.56 1.39
N ARG F 40 -21.94 16.60 1.10
CA ARG F 40 -22.95 16.30 2.11
C ARG F 40 -22.82 14.87 2.61
N ARG F 41 -22.64 13.92 1.69
CA ARG F 41 -22.38 12.55 2.12
C ARG F 41 -21.09 12.45 2.89
N GLY F 42 -20.14 13.34 2.62
CA GLY F 42 -18.93 13.39 3.42
C GLY F 42 -19.08 14.06 4.76
N GLY F 43 -20.26 14.59 5.06
CA GLY F 43 -20.51 15.22 6.35
C GLY F 43 -20.24 16.71 6.40
N VAL F 44 -20.15 17.38 5.25
CA VAL F 44 -19.78 18.79 5.20
C VAL F 44 -21.03 19.65 5.32
N LYS F 45 -21.02 20.57 6.28
CA LYS F 45 -22.18 21.41 6.56
C LYS F 45 -22.16 22.73 5.80
N ARG F 46 -20.98 23.22 5.42
CA ARG F 46 -20.86 24.48 4.71
C ARG F 46 -19.69 24.37 3.74
N ILE F 47 -19.87 24.88 2.53
CA ILE F 47 -18.93 24.69 1.44
C ILE F 47 -18.54 26.05 0.88
N SER F 48 -17.24 26.26 0.68
CA SER F 48 -16.79 27.48 0.03
C SER F 48 -17.07 27.43 -1.47
N GLY F 49 -17.13 28.62 -2.08
CA GLY F 49 -17.47 28.71 -3.50
C GLY F 49 -16.39 28.22 -4.43
N LEU F 50 -15.13 28.24 -3.99
CA LEU F 50 -14.03 27.76 -4.81
C LEU F 50 -13.79 26.25 -4.66
N ILE F 51 -14.58 25.58 -3.82
CA ILE F 51 -14.41 24.15 -3.60
C ILE F 51 -14.68 23.36 -4.87
N TYR F 52 -15.62 23.83 -5.69
CA TYR F 52 -16.12 23.02 -6.79
C TYR F 52 -15.07 22.81 -7.88
N GLU F 53 -14.33 23.86 -8.24
CA GLU F 53 -13.31 23.69 -9.27
C GLU F 53 -12.14 22.86 -8.76
N GLU F 54 -11.78 23.02 -7.48
CA GLU F 54 -10.75 22.18 -6.89
C GLU F 54 -11.18 20.71 -6.90
N THR F 55 -12.44 20.45 -6.56
CA THR F 55 -12.95 19.08 -6.59
C THR F 55 -12.97 18.52 -7.99
N ARG F 56 -13.32 19.34 -8.99
CA ARG F 56 -13.26 18.89 -10.37
C ARG F 56 -11.84 18.53 -10.77
N GLY F 57 -10.88 19.35 -10.38
CA GLY F 57 -9.48 19.03 -10.70
C GLY F 57 -9.01 17.75 -10.04
N VAL F 58 -9.38 17.55 -8.77
CA VAL F 58 -8.99 16.34 -8.05
C VAL F 58 -9.62 15.11 -8.71
N LEU F 59 -10.91 15.21 -9.04
CA LEU F 59 -11.58 14.10 -9.70
C LEU F 59 -10.96 13.80 -11.05
N LYS F 60 -10.57 14.84 -11.80
CA LYS F 60 -9.94 14.63 -13.09
C LYS F 60 -8.58 13.96 -12.94
N VAL F 61 -7.79 14.36 -11.95
CA VAL F 61 -6.49 13.71 -11.74
C VAL F 61 -6.68 12.24 -11.37
N PHE F 62 -7.62 11.96 -10.46
CA PHE F 62 -7.87 10.59 -10.06
C PHE F 62 -8.34 9.75 -11.24
N LEU F 63 -9.27 10.27 -12.03
CA LEU F 63 -9.77 9.54 -13.19
C LEU F 63 -8.67 9.31 -14.21
N GLU F 64 -7.82 10.32 -14.46
CA GLU F 64 -6.73 10.14 -15.41
C GLU F 64 -5.78 9.05 -14.95
N ASN F 65 -5.43 9.06 -13.66
CA ASN F 65 -4.53 8.03 -13.14
C ASN F 65 -5.14 6.64 -13.26
N VAL F 66 -6.42 6.49 -12.94
CA VAL F 66 -7.04 5.17 -13.00
C VAL F 66 -7.22 4.71 -14.44
N ILE F 67 -7.69 5.60 -15.31
CA ILE F 67 -7.97 5.23 -16.69
C ILE F 67 -6.69 4.94 -17.45
N ARG F 68 -5.58 5.59 -17.09
CA ARG F 68 -4.31 5.24 -17.73
C ARG F 68 -3.98 3.78 -17.50
N ASP F 69 -4.09 3.30 -16.26
CA ASP F 69 -3.77 1.91 -15.96
C ASP F 69 -4.81 0.96 -16.55
N ALA F 70 -6.08 1.35 -16.53
CA ALA F 70 -7.12 0.49 -17.12
C ALA F 70 -6.90 0.32 -18.63
N VAL F 71 -6.58 1.42 -19.32
CA VAL F 71 -6.31 1.36 -20.74
C VAL F 71 -5.03 0.59 -21.01
N THR F 72 -4.03 0.70 -20.13
CA THR F 72 -2.83 -0.09 -20.30
C THR F 72 -3.13 -1.58 -20.22
N TYR F 73 -3.94 -1.99 -19.24
CA TYR F 73 -4.34 -3.39 -19.15
C TYR F 73 -5.10 -3.83 -20.40
N THR F 74 -6.05 -3.00 -20.86
CA THR F 74 -6.82 -3.35 -22.05
C THR F 74 -5.91 -3.49 -23.28
N GLU F 75 -5.00 -2.53 -23.46
CA GLU F 75 -4.10 -2.57 -24.60
C GLU F 75 -3.19 -3.79 -24.55
N HIS F 76 -2.74 -4.16 -23.35
CA HIS F 76 -1.96 -5.39 -23.22
C HIS F 76 -2.78 -6.62 -23.60
N ALA F 77 -4.04 -6.65 -23.19
CA ALA F 77 -4.90 -7.78 -23.51
C ALA F 77 -5.28 -7.85 -24.99
N LYS F 78 -4.75 -6.94 -25.81
CA LYS F 78 -5.09 -6.87 -27.24
C LYS F 78 -6.59 -6.77 -27.45
N ARG F 79 -7.24 -6.00 -26.58
CA ARG F 79 -8.66 -5.74 -26.67
C ARG F 79 -8.91 -4.27 -26.93
N LYS F 80 -10.10 -3.97 -27.43
CA LYS F 80 -10.55 -2.60 -27.65
C LYS F 80 -11.62 -2.17 -26.66
N THR F 81 -12.04 -3.07 -25.77
CA THR F 81 -13.11 -2.80 -24.82
C THR F 81 -12.53 -2.74 -23.42
N VAL F 82 -12.64 -1.59 -22.78
CA VAL F 82 -12.25 -1.46 -21.38
C VAL F 82 -13.28 -2.17 -20.52
N THR F 83 -12.82 -3.05 -19.64
CA THR F 83 -13.71 -3.89 -18.85
C THR F 83 -13.69 -3.47 -17.38
N ALA F 84 -14.77 -3.83 -16.69
CA ALA F 84 -14.86 -3.60 -15.26
C ALA F 84 -13.73 -4.28 -14.52
N MET F 85 -13.30 -5.45 -15.00
CA MET F 85 -12.17 -6.13 -14.36
C MET F 85 -10.87 -5.36 -14.57
N ASP F 86 -10.69 -4.73 -15.74
CA ASP F 86 -9.53 -3.87 -15.93
C ASP F 86 -9.57 -2.67 -14.99
N VAL F 87 -10.75 -2.08 -14.80
CA VAL F 87 -10.88 -0.99 -13.85
C VAL F 87 -10.54 -1.45 -12.43
N VAL F 88 -11.02 -2.63 -12.06
CA VAL F 88 -10.74 -3.18 -10.73
C VAL F 88 -9.24 -3.40 -10.56
N TYR F 89 -8.58 -3.92 -11.60
CA TYR F 89 -7.15 -4.15 -11.52
C TYR F 89 -6.39 -2.83 -11.38
N ALA F 90 -6.80 -1.80 -12.10
CA ALA F 90 -6.17 -0.50 -11.97
C ALA F 90 -6.34 0.06 -10.55
N LEU F 91 -7.55 -0.05 -10.00
CA LEU F 91 -7.77 0.43 -8.64
C LEU F 91 -6.94 -0.36 -7.63
N LYS F 92 -6.85 -1.68 -7.80
CA LYS F 92 -6.01 -2.49 -6.93
C LYS F 92 -4.55 -2.08 -7.05
N ARG F 93 -4.13 -1.68 -8.25
CA ARG F 93 -2.79 -1.12 -8.41
C ARG F 93 -2.65 0.15 -7.58
N GLN F 94 -3.70 0.97 -7.52
CA GLN F 94 -3.65 2.18 -6.70
C GLN F 94 -3.94 1.90 -5.23
N GLY F 95 -4.13 0.64 -4.84
CA GLY F 95 -4.49 0.32 -3.46
C GLY F 95 -5.86 0.81 -3.04
N ARG F 96 -6.88 0.63 -3.87
CA ARG F 96 -8.24 1.02 -3.59
C ARG F 96 -9.21 -0.10 -3.95
N THR F 97 -8.92 -1.31 -3.45
CA THR F 97 -9.68 -2.51 -3.78
C THR F 97 -11.17 -2.27 -3.83
N LEU F 98 -11.81 -2.70 -4.91
CA LEU F 98 -13.22 -2.47 -5.15
C LEU F 98 -13.96 -3.80 -5.20
N TYR F 99 -15.00 -3.93 -4.38
CA TYR F 99 -15.76 -5.17 -4.26
C TYR F 99 -17.07 -5.07 -5.03
N GLY F 100 -17.43 -6.17 -5.70
CA GLY F 100 -18.73 -6.28 -6.31
C GLY F 100 -18.78 -6.17 -7.81
N PHE F 101 -17.64 -6.22 -8.50
CA PHE F 101 -17.59 -6.05 -9.94
C PHE F 101 -16.82 -7.19 -10.59
N GLY F 102 -17.17 -8.43 -10.21
CA GLY F 102 -16.53 -9.61 -10.76
C GLY F 102 -15.85 -10.42 -9.65
N GLY F 103 -14.82 -11.14 -10.05
CA GLY F 103 -14.05 -11.93 -9.11
C GLY F 103 -12.65 -12.21 -9.61
N LYS G 45 36.28 -29.48 -24.73
CA LYS G 45 35.69 -29.85 -26.01
C LYS G 45 35.46 -28.61 -26.87
N THR G 46 35.34 -28.83 -28.18
CA THR G 46 35.22 -27.74 -29.16
C THR G 46 33.75 -27.40 -29.36
N ARG G 47 33.32 -26.28 -28.78
CA ARG G 47 32.02 -25.68 -29.05
C ARG G 47 32.22 -24.20 -29.39
N ALA G 48 31.11 -23.51 -29.59
CA ALA G 48 31.19 -22.08 -29.87
C ALA G 48 31.71 -21.32 -28.66
N LYS G 49 32.26 -20.14 -28.91
CA LYS G 49 32.81 -19.32 -27.84
C LYS G 49 31.70 -18.83 -26.92
N ALA G 50 31.94 -18.92 -25.62
CA ALA G 50 30.96 -18.53 -24.62
C ALA G 50 30.84 -17.01 -24.61
N LYS G 51 29.80 -16.50 -25.25
CA LYS G 51 29.51 -15.08 -25.27
C LYS G 51 28.33 -14.82 -24.35
N THR G 52 28.53 -13.98 -23.33
CA THR G 52 27.47 -13.72 -22.38
C THR G 52 26.32 -12.95 -23.04
N ARG G 53 25.11 -13.22 -22.58
CA ARG G 53 23.95 -12.53 -23.13
C ARG G 53 23.95 -11.05 -22.77
N SER G 54 24.61 -10.68 -21.66
CA SER G 54 24.76 -9.26 -21.34
C SER G 54 25.53 -8.54 -22.43
N SER G 55 26.65 -9.11 -22.86
CA SER G 55 27.41 -8.54 -23.96
C SER G 55 26.64 -8.63 -25.27
N ARG G 56 25.92 -9.73 -25.48
CA ARG G 56 25.15 -9.91 -26.71
C ARG G 56 24.08 -8.84 -26.86
N ALA G 57 23.49 -8.44 -25.74
CA ALA G 57 22.49 -7.38 -25.72
C ALA G 57 23.08 -6.00 -25.46
N GLY G 58 24.39 -5.92 -25.27
CA GLY G 58 25.03 -4.63 -25.05
C GLY G 58 24.68 -4.00 -23.72
N LEU G 59 24.66 -4.79 -22.65
CA LEU G 59 24.31 -4.34 -21.33
C LEU G 59 25.49 -4.51 -20.38
N GLN G 60 25.32 -3.99 -19.16
CA GLN G 60 26.25 -4.24 -18.07
C GLN G 60 25.64 -5.02 -16.92
N PHE G 61 24.35 -5.37 -17.02
CA PHE G 61 23.67 -6.14 -15.99
C PHE G 61 23.56 -7.61 -16.38
N PRO G 62 23.53 -8.51 -15.41
CA PRO G 62 23.60 -9.94 -15.73
C PRO G 62 22.27 -10.47 -16.26
N VAL G 63 22.21 -10.69 -17.57
CA VAL G 63 21.01 -11.24 -18.18
C VAL G 63 20.76 -12.65 -17.65
N GLY G 64 21.82 -13.45 -17.53
CA GLY G 64 21.65 -14.81 -17.02
C GLY G 64 21.17 -14.84 -15.58
N ARG G 65 21.72 -13.95 -14.75
CA ARG G 65 21.27 -13.90 -13.36
C ARG G 65 19.83 -13.41 -13.26
N VAL G 66 19.44 -12.42 -14.06
CA VAL G 66 18.06 -11.97 -14.06
C VAL G 66 17.13 -13.07 -14.55
N HIS G 67 17.58 -13.83 -15.55
CA HIS G 67 16.77 -14.97 -16.02
C HIS G 67 16.59 -16.00 -14.93
N ARG G 68 17.66 -16.32 -14.20
CA ARG G 68 17.54 -17.28 -13.11
C ARG G 68 16.62 -16.76 -12.02
N LEU G 69 16.74 -15.47 -11.69
CA LEU G 69 15.91 -14.90 -10.62
C LEU G 69 14.44 -14.84 -11.02
N LEU G 70 14.15 -14.69 -12.32
CA LEU G 70 12.77 -14.74 -12.78
C LEU G 70 12.25 -16.18 -12.77
N ARG G 71 13.08 -17.13 -13.18
CA ARG G 71 12.62 -18.52 -13.26
C ARG G 71 12.41 -19.12 -11.88
N LYS G 72 13.29 -18.83 -10.93
CA LYS G 72 13.21 -19.43 -9.60
C LYS G 72 12.34 -18.64 -8.63
N GLY G 73 11.85 -17.47 -9.03
CA GLY G 73 11.04 -16.66 -8.15
C GLY G 73 9.58 -17.02 -8.08
N ASN G 74 9.15 -18.06 -8.81
CA ASN G 74 7.74 -18.48 -8.86
C ASN G 74 6.84 -17.33 -9.28
N TYR G 75 7.15 -16.73 -10.43
CA TYR G 75 6.33 -15.68 -11.00
C TYR G 75 5.37 -16.19 -12.07
N ALA G 76 5.85 -17.07 -12.94
CA ALA G 76 5.00 -17.71 -13.94
C ALA G 76 5.58 -19.07 -14.26
N GLU G 77 4.83 -19.84 -15.05
CA GLU G 77 5.30 -21.17 -15.44
C GLU G 77 6.53 -21.08 -16.34
N ARG G 78 6.54 -20.12 -17.27
CA ARG G 78 7.60 -20.01 -18.26
C ARG G 78 8.10 -18.57 -18.32
N VAL G 79 9.36 -18.42 -18.71
CA VAL G 79 9.99 -17.12 -18.87
C VAL G 79 10.55 -17.03 -20.29
N GLY G 80 10.21 -15.96 -20.99
CA GLY G 80 10.59 -15.80 -22.38
C GLY G 80 12.06 -15.48 -22.57
N ALA G 81 12.46 -15.43 -23.84
CA ALA G 81 13.85 -15.12 -24.16
C ALA G 81 14.14 -13.62 -24.01
N GLY G 82 13.18 -12.79 -24.38
CA GLY G 82 13.38 -11.35 -24.32
C GLY G 82 13.05 -10.71 -22.99
N ALA G 83 12.37 -11.43 -22.11
CA ALA G 83 12.05 -10.87 -20.80
C ALA G 83 13.28 -10.56 -19.96
N PRO G 84 14.26 -11.47 -19.82
CA PRO G 84 15.47 -11.08 -19.06
C PRO G 84 16.22 -9.92 -19.69
N VAL G 85 16.27 -9.85 -21.01
CA VAL G 85 16.97 -8.75 -21.67
C VAL G 85 16.28 -7.43 -21.39
N TYR G 86 14.95 -7.41 -21.53
CA TYR G 86 14.19 -6.18 -21.26
C TYR G 86 14.32 -5.77 -19.80
N LEU G 87 14.21 -6.72 -18.88
CA LEU G 87 14.29 -6.40 -17.46
C LEU G 87 15.68 -5.91 -17.08
N ALA G 88 16.72 -6.55 -17.62
CA ALA G 88 18.09 -6.11 -17.34
C ALA G 88 18.32 -4.72 -17.91
N ALA G 89 17.80 -4.42 -19.10
CA ALA G 89 17.95 -3.09 -19.66
C ALA G 89 17.26 -2.05 -18.78
N VAL G 90 16.05 -2.36 -18.30
CA VAL G 90 15.32 -1.40 -17.46
C VAL G 90 16.06 -1.17 -16.15
N LEU G 91 16.54 -2.26 -15.52
CA LEU G 91 17.27 -2.11 -14.27
C LEU G 91 18.55 -1.31 -14.47
N GLU G 92 19.27 -1.56 -15.57
CA GLU G 92 20.48 -0.81 -15.87
C GLU G 92 20.17 0.66 -16.08
N TYR G 93 19.09 0.96 -16.79
CA TYR G 93 18.74 2.37 -17.03
C TYR G 93 18.41 3.08 -15.73
N LEU G 94 17.61 2.44 -14.87
CA LEU G 94 17.24 3.09 -13.61
C LEU G 94 18.45 3.27 -12.71
N THR G 95 19.32 2.26 -12.63
CA THR G 95 20.53 2.37 -11.85
C THR G 95 21.44 3.47 -12.40
N ALA G 96 21.57 3.56 -13.72
CA ALA G 96 22.38 4.61 -14.32
C ALA G 96 21.82 5.99 -14.00
N GLU G 97 20.51 6.15 -14.08
CA GLU G 97 19.91 7.45 -13.81
C GLU G 97 20.13 7.88 -12.36
N ILE G 98 19.87 6.97 -11.42
CA ILE G 98 20.04 7.34 -10.01
C ILE G 98 21.51 7.56 -9.69
N LEU G 99 22.41 6.75 -10.27
CA LEU G 99 23.83 6.95 -10.03
C LEU G 99 24.32 8.26 -10.62
N GLU G 100 23.82 8.65 -11.79
CA GLU G 100 24.18 9.94 -12.37
C GLU G 100 23.75 11.09 -11.47
N LEU G 101 22.52 11.04 -10.98
CA LEU G 101 22.04 12.11 -10.12
C LEU G 101 22.80 12.13 -8.79
N ALA G 102 23.12 10.95 -8.24
CA ALA G 102 23.88 10.90 -7.00
C ALA G 102 25.30 11.39 -7.18
N GLY G 103 25.91 11.09 -8.32
CA GLY G 103 27.24 11.62 -8.60
C GLY G 103 27.24 13.13 -8.76
N ASN G 104 26.20 13.67 -9.42
CA ASN G 104 26.06 15.12 -9.49
C ASN G 104 25.91 15.72 -8.10
N ALA G 105 25.12 15.09 -7.24
CA ALA G 105 24.93 15.60 -5.88
C ALA G 105 26.22 15.53 -5.08
N ALA G 106 26.99 14.45 -5.24
CA ALA G 106 28.27 14.33 -4.56
C ALA G 106 29.26 15.38 -5.04
N ARG G 107 29.28 15.63 -6.35
CA ARG G 107 30.13 16.68 -6.89
C ARG G 107 29.74 18.05 -6.35
N ASP G 108 28.43 18.30 -6.24
CA ASP G 108 27.96 19.55 -5.65
C ASP G 108 28.32 19.66 -4.17
N ASN G 109 28.63 18.54 -3.52
CA ASN G 109 29.00 18.53 -2.11
C ASN G 109 30.51 18.40 -1.91
N LYS G 110 31.31 18.67 -2.95
CA LYS G 110 32.77 18.69 -2.85
C LYS G 110 33.32 17.34 -2.40
N LYS G 111 32.74 16.26 -2.89
CA LYS G 111 33.20 14.92 -2.56
C LYS G 111 33.20 14.06 -3.82
N THR G 112 34.07 13.06 -3.85
CA THR G 112 34.21 12.15 -4.96
C THR G 112 33.60 10.78 -4.70
N ARG G 113 32.93 10.61 -3.56
CA ARG G 113 32.29 9.35 -3.22
C ARG G 113 30.81 9.56 -2.97
N ILE G 114 30.01 8.62 -3.47
CA ILE G 114 28.57 8.66 -3.27
C ILE G 114 28.25 8.04 -1.91
N ILE G 115 27.47 8.76 -1.11
CA ILE G 115 27.09 8.27 0.22
C ILE G 115 25.56 8.23 0.31
N PRO G 116 25.00 7.60 1.35
CA PRO G 116 23.54 7.58 1.48
C PRO G 116 22.90 8.94 1.46
N ARG G 117 23.56 9.96 2.00
CA ARG G 117 23.03 11.32 1.88
C ARG G 117 22.93 11.75 0.43
N HIS G 118 23.93 11.39 -0.38
CA HIS G 118 23.89 11.75 -1.79
C HIS G 118 22.78 11.00 -2.52
N LEU G 119 22.60 9.72 -2.21
CA LEU G 119 21.50 8.96 -2.81
C LEU G 119 20.16 9.56 -2.42
N GLN G 120 19.99 9.93 -1.15
CA GLN G 120 18.74 10.54 -0.71
C GLN G 120 18.50 11.87 -1.40
N LEU G 121 19.54 12.70 -1.52
CA LEU G 121 19.39 13.99 -2.19
C LEU G 121 18.98 13.80 -3.65
N ALA G 122 19.63 12.86 -4.33
CA ALA G 122 19.28 12.59 -5.73
C ALA G 122 17.82 12.13 -5.85
N VAL G 123 17.42 11.17 -5.03
CA VAL G 123 16.09 10.57 -5.15
C VAL G 123 15.01 11.61 -4.82
N ARG G 124 15.21 12.40 -3.76
CA ARG G 124 14.17 13.34 -3.35
C ARG G 124 14.21 14.63 -4.15
N ASN G 125 15.28 14.90 -4.89
CA ASN G 125 15.31 16.08 -5.74
C ASN G 125 14.93 15.80 -7.19
N ASP G 126 14.97 14.54 -7.62
CA ASP G 126 14.38 14.18 -8.90
C ASP G 126 12.91 13.87 -8.67
N GLU G 127 12.03 14.55 -9.42
CA GLU G 127 10.60 14.44 -9.16
C GLU G 127 10.10 13.02 -9.45
N GLU G 128 10.51 12.43 -10.56
CA GLU G 128 10.03 11.10 -10.90
C GLU G 128 10.67 10.03 -10.03
N LEU G 129 11.94 10.20 -9.64
CA LEU G 129 12.54 9.26 -8.70
C LEU G 129 11.84 9.33 -7.35
N ASN G 130 11.46 10.53 -6.91
CA ASN G 130 10.73 10.66 -5.66
C ASN G 130 9.34 10.05 -5.77
N LYS G 131 8.71 10.16 -6.94
CA LYS G 131 7.44 9.50 -7.15
C LYS G 131 7.58 7.98 -7.08
N LEU G 132 8.65 7.44 -7.66
CA LEU G 132 8.85 6.00 -7.67
C LEU G 132 9.25 5.47 -6.29
N LEU G 133 9.98 6.26 -5.51
CA LEU G 133 10.46 5.87 -4.20
C LEU G 133 9.84 6.74 -3.11
N GLY G 134 8.53 6.99 -3.22
CA GLY G 134 7.86 7.81 -2.24
C GLY G 134 7.79 7.17 -0.86
N ARG G 135 7.46 5.88 -0.82
CA ARG G 135 7.34 5.15 0.44
C ARG G 135 8.58 4.33 0.75
N VAL G 136 9.75 4.84 0.40
CA VAL G 136 11.02 4.17 0.67
C VAL G 136 11.88 5.09 1.52
N THR G 137 12.40 4.56 2.62
CA THR G 137 13.28 5.29 3.52
C THR G 137 14.71 4.82 3.32
N ILE G 138 15.61 5.76 3.05
CA ILE G 138 17.02 5.46 2.83
C ILE G 138 17.76 5.58 4.14
N ALA G 139 18.56 4.56 4.47
CA ALA G 139 19.24 4.52 5.75
C ALA G 139 20.31 5.60 5.84
N GLN G 140 20.25 6.38 6.92
CA GLN G 140 21.20 7.48 7.16
C GLN G 140 21.22 8.48 6.00
N GLY G 141 20.07 8.65 5.35
CA GLY G 141 19.99 9.57 4.23
C GLY G 141 19.50 10.94 4.61
N GLY G 142 18.96 11.07 5.82
CA GLY G 142 18.49 12.37 6.28
C GLY G 142 17.29 12.86 5.49
N VAL G 143 16.99 14.15 5.69
CA VAL G 143 15.88 14.80 5.02
C VAL G 143 16.42 16.02 4.27
N LEU G 144 15.65 16.46 3.27
CA LEU G 144 16.04 17.62 2.48
C LEU G 144 15.90 18.89 3.30
N PRO G 145 16.75 19.88 3.06
CA PRO G 145 16.59 21.17 3.74
C PRO G 145 15.36 21.91 3.24
N ASN G 146 14.31 21.94 4.05
CA ASN G 146 13.04 22.55 3.66
C ASN G 146 12.41 23.16 4.90
N ILE G 147 12.64 24.45 5.10
CA ILE G 147 12.09 25.19 6.23
C ILE G 147 10.94 26.05 5.71
N GLN G 148 9.85 26.06 6.45
CA GLN G 148 8.64 26.71 5.99
C GLN G 148 8.82 28.22 5.90
N SER G 149 8.14 28.82 4.93
CA SER G 149 8.20 30.26 4.75
C SER G 149 7.67 31.00 5.97
N VAL G 150 6.60 30.48 6.58
CA VAL G 150 6.03 31.12 7.76
C VAL G 150 7.00 31.03 8.93
N LEU G 151 7.72 29.92 9.04
CA LEU G 151 8.69 29.75 10.13
C LEU G 151 9.96 30.56 9.88
N LEU G 152 10.23 30.95 8.64
CA LEU G 152 11.38 31.79 8.36
C LEU G 152 11.25 33.12 9.10
N PRO G 153 12.32 33.64 9.70
CA PRO G 153 12.19 34.83 10.55
C PRO G 153 12.09 36.10 9.73
N LYS G 154 10.96 36.79 9.86
CA LYS G 154 10.71 38.01 9.11
C LYS G 154 10.27 39.14 10.05
N ARG H 28 35.58 -21.42 5.12
CA ARG H 28 34.81 -21.23 3.91
C ARG H 28 33.31 -21.37 4.17
N LYS H 29 32.53 -20.39 3.73
CA LYS H 29 31.09 -20.42 3.92
C LYS H 29 30.37 -20.27 2.59
N THR H 30 29.03 -20.17 2.63
CA THR H 30 28.26 -20.01 1.41
C THR H 30 28.49 -18.64 0.80
N ARG H 31 28.71 -18.60 -0.51
CA ARG H 31 28.94 -17.35 -1.22
C ARG H 31 27.59 -16.72 -1.61
N LYS H 32 27.47 -15.42 -1.37
CA LYS H 32 26.25 -14.68 -1.64
C LYS H 32 26.44 -13.79 -2.85
N GLU H 33 25.37 -13.61 -3.62
CA GLU H 33 25.39 -12.82 -4.84
C GLU H 33 24.87 -11.42 -4.60
N SER H 34 25.40 -10.47 -5.37
CA SER H 34 24.97 -9.08 -5.28
C SER H 34 25.26 -8.39 -6.59
N TYR H 35 24.58 -7.26 -6.81
CA TYR H 35 24.77 -6.44 -8.00
C TYR H 35 25.87 -5.41 -7.82
N ALA H 36 26.80 -5.63 -6.89
CA ALA H 36 27.79 -4.62 -6.58
C ALA H 36 28.67 -4.30 -7.78
N ILE H 37 29.21 -5.35 -8.42
CA ILE H 37 30.14 -5.11 -9.53
C ILE H 37 29.42 -4.49 -10.71
N TYR H 38 28.17 -4.88 -10.95
CA TYR H 38 27.42 -4.31 -12.07
C TYR H 38 27.09 -2.84 -11.82
N VAL H 39 26.71 -2.51 -10.59
CA VAL H 39 26.46 -1.10 -10.27
C VAL H 39 27.74 -0.29 -10.38
N TYR H 40 28.87 -0.89 -10.01
CA TYR H 40 30.14 -0.19 -10.16
C TYR H 40 30.49 0.02 -11.63
N LYS H 41 30.24 -0.98 -12.47
CA LYS H 41 30.50 -0.83 -13.91
C LYS H 41 29.63 0.27 -14.50
N VAL H 42 28.36 0.32 -14.10
CA VAL H 42 27.48 1.39 -14.59
C VAL H 42 27.98 2.74 -14.10
N LEU H 43 28.44 2.82 -12.85
CA LEU H 43 29.00 4.07 -12.34
C LEU H 43 30.24 4.49 -13.12
N LYS H 44 31.08 3.53 -13.51
CA LYS H 44 32.24 3.84 -14.33
C LYS H 44 31.82 4.34 -15.71
N GLN H 45 30.76 3.76 -16.28
CA GLN H 45 30.25 4.23 -17.56
C GLN H 45 29.73 5.65 -17.45
N VAL H 46 29.07 5.99 -16.35
CA VAL H 46 28.40 7.29 -16.23
C VAL H 46 29.37 8.36 -15.75
N HIS H 47 29.87 8.22 -14.52
CA HIS H 47 30.85 9.13 -13.94
C HIS H 47 32.19 8.41 -13.77
N PRO H 48 33.16 8.61 -14.67
CA PRO H 48 34.42 7.86 -14.55
C PRO H 48 35.23 8.21 -13.30
N ASP H 49 35.01 9.37 -12.69
CA ASP H 49 35.81 9.82 -11.57
C ASP H 49 34.98 9.96 -10.30
N THR H 50 34.12 8.99 -10.03
CA THR H 50 33.32 8.97 -8.82
C THR H 50 33.36 7.58 -8.21
N GLY H 51 33.31 7.53 -6.87
CA GLY H 51 33.34 6.29 -6.15
C GLY H 51 32.07 6.10 -5.32
N ILE H 52 31.95 4.91 -4.74
CA ILE H 52 30.77 4.53 -3.99
C ILE H 52 31.20 3.92 -2.66
N SER H 53 30.54 4.31 -1.58
CA SER H 53 30.80 3.72 -0.28
C SER H 53 30.09 2.38 -0.15
N SER H 54 30.48 1.62 0.87
CA SER H 54 29.88 0.31 1.06
C SER H 54 28.40 0.41 1.39
N LYS H 55 28.03 1.35 2.27
CA LYS H 55 26.63 1.52 2.63
C LYS H 55 25.81 1.99 1.44
N ALA H 56 26.33 2.93 0.65
CA ALA H 56 25.62 3.38 -0.52
C ALA H 56 25.47 2.27 -1.54
N MET H 57 26.49 1.42 -1.69
CA MET H 57 26.38 0.28 -2.58
C MET H 57 25.31 -0.70 -2.10
N SER H 58 25.22 -0.91 -0.78
CA SER H 58 24.18 -1.77 -0.24
C SER H 58 22.79 -1.19 -0.51
N ILE H 59 22.65 0.12 -0.36
CA ILE H 59 21.38 0.78 -0.65
C ILE H 59 21.04 0.64 -2.13
N MET H 60 22.03 0.78 -3.00
CA MET H 60 21.80 0.61 -4.43
C MET H 60 21.38 -0.81 -4.76
N ASN H 61 22.00 -1.80 -4.12
CA ASN H 61 21.60 -3.19 -4.33
C ASN H 61 20.17 -3.41 -3.87
N SER H 62 19.80 -2.84 -2.73
CA SER H 62 18.41 -2.94 -2.29
C SER H 62 17.46 -2.29 -3.29
N PHE H 63 17.86 -1.15 -3.86
CA PHE H 63 17.03 -0.48 -4.85
C PHE H 63 16.83 -1.34 -6.09
N VAL H 64 17.91 -1.95 -6.58
CA VAL H 64 17.81 -2.84 -7.74
C VAL H 64 16.89 -4.01 -7.43
N ASN H 65 17.03 -4.60 -6.24
CA ASN H 65 16.17 -5.71 -5.84
C ASN H 65 14.71 -5.29 -5.78
N ASP H 66 14.44 -4.11 -5.21
CA ASP H 66 13.06 -3.66 -5.08
C ASP H 66 12.43 -3.41 -6.44
N VAL H 67 13.17 -2.80 -7.37
CA VAL H 67 12.63 -2.57 -8.70
C VAL H 67 12.39 -3.90 -9.41
N PHE H 68 13.32 -4.85 -9.27
CA PHE H 68 13.13 -6.17 -9.85
C PHE H 68 11.86 -6.83 -9.30
N GLU H 69 11.67 -6.76 -7.99
CA GLU H 69 10.49 -7.38 -7.38
C GLU H 69 9.21 -6.73 -7.87
N ARG H 70 9.18 -5.40 -7.94
CA ARG H 70 7.98 -4.72 -8.43
C ARG H 70 7.66 -5.14 -9.86
N ILE H 71 8.66 -5.09 -10.75
CA ILE H 71 8.41 -5.40 -12.15
C ILE H 71 7.99 -6.85 -12.32
N ALA H 72 8.67 -7.77 -11.64
CA ALA H 72 8.34 -9.19 -11.77
C ALA H 72 6.95 -9.48 -11.22
N GLY H 73 6.58 -8.86 -10.10
CA GLY H 73 5.24 -9.05 -9.57
C GLY H 73 4.18 -8.54 -10.53
N GLU H 74 4.39 -7.34 -11.10
CA GLU H 74 3.40 -6.80 -12.02
C GLU H 74 3.28 -7.64 -13.29
N ALA H 75 4.41 -8.13 -13.81
CA ALA H 75 4.37 -8.97 -14.99
C ALA H 75 3.71 -10.30 -14.71
N SER H 76 3.94 -10.87 -13.53
CA SER H 76 3.25 -12.10 -13.16
C SER H 76 1.75 -11.87 -13.03
N ARG H 77 1.35 -10.73 -12.46
CA ARG H 77 -0.07 -10.41 -12.39
C ARG H 77 -0.68 -10.30 -13.77
N LEU H 78 0.02 -9.64 -14.69
CA LEU H 78 -0.49 -9.53 -16.06
C LEU H 78 -0.63 -10.89 -16.73
N ALA H 79 0.39 -11.74 -16.57
CA ALA H 79 0.34 -13.07 -17.17
C ALA H 79 -0.80 -13.90 -16.60
N HIS H 80 -1.05 -13.78 -15.29
CA HIS H 80 -2.12 -14.55 -14.68
C HIS H 80 -3.49 -14.00 -15.06
N TYR H 81 -3.62 -12.67 -15.17
CA TYR H 81 -4.90 -12.05 -15.47
C TYR H 81 -5.24 -12.11 -16.95
N ASN H 82 -4.29 -12.41 -17.81
CA ASN H 82 -4.57 -12.69 -19.22
C ASN H 82 -4.59 -14.18 -19.52
N LYS H 83 -4.59 -15.03 -18.48
CA LYS H 83 -4.66 -16.48 -18.63
C LYS H 83 -3.53 -17.01 -19.50
N ARG H 84 -2.34 -16.41 -19.35
CA ARG H 84 -1.13 -16.87 -19.99
C ARG H 84 -0.26 -17.61 -18.97
N SER H 85 0.86 -18.14 -19.44
CA SER H 85 1.79 -18.81 -18.54
C SER H 85 3.24 -18.47 -18.84
N THR H 86 3.49 -17.37 -19.56
CA THR H 86 4.84 -16.99 -19.95
C THR H 86 5.07 -15.54 -19.56
N ILE H 87 6.27 -15.27 -19.04
CA ILE H 87 6.74 -13.90 -18.84
C ILE H 87 7.56 -13.52 -20.06
N THR H 88 7.09 -12.51 -20.79
CA THR H 88 7.72 -12.11 -22.03
C THR H 88 8.12 -10.64 -21.98
N SER H 89 8.79 -10.20 -23.04
CA SER H 89 9.17 -8.80 -23.15
C SER H 89 7.94 -7.89 -23.19
N ARG H 90 6.84 -8.36 -23.76
CA ARG H 90 5.60 -7.59 -23.75
C ARG H 90 5.06 -7.43 -22.34
N GLU H 91 5.09 -8.51 -21.55
CA GLU H 91 4.70 -8.43 -20.14
C GLU H 91 5.58 -7.46 -19.37
N ILE H 92 6.90 -7.54 -19.59
CA ILE H 92 7.82 -6.65 -18.88
C ILE H 92 7.60 -5.19 -19.30
N GLN H 93 7.32 -4.97 -20.59
CA GLN H 93 7.07 -3.63 -21.07
C GLN H 93 5.81 -3.04 -20.44
N THR H 94 4.75 -3.84 -20.38
CA THR H 94 3.51 -3.38 -19.74
C THR H 94 3.74 -3.12 -18.25
N ALA H 95 4.50 -3.99 -17.59
CA ALA H 95 4.78 -3.79 -16.17
C ALA H 95 5.56 -2.51 -15.93
N VAL H 96 6.56 -2.23 -16.77
CA VAL H 96 7.32 -1.00 -16.65
C VAL H 96 6.41 0.21 -16.86
N ARG H 97 5.57 0.16 -17.90
CA ARG H 97 4.68 1.28 -18.16
C ARG H 97 3.68 1.49 -17.03
N LEU H 98 3.30 0.41 -16.33
CA LEU H 98 2.38 0.54 -15.20
C LEU H 98 3.08 1.09 -13.97
N LEU H 99 4.32 0.68 -13.72
CA LEU H 99 5.01 1.02 -12.48
C LEU H 99 5.74 2.36 -12.55
N LEU H 100 6.67 2.50 -13.49
CA LEU H 100 7.46 3.72 -13.55
C LEU H 100 6.59 4.87 -14.09
N PRO H 101 6.74 6.06 -13.52
CA PRO H 101 5.98 7.21 -14.02
C PRO H 101 6.56 7.77 -15.32
N GLY H 102 5.70 8.46 -16.05
CA GLY H 102 6.09 9.41 -17.09
C GLY H 102 7.34 9.14 -17.93
N GLU H 103 8.26 10.09 -17.88
CA GLU H 103 9.46 10.03 -18.70
C GLU H 103 10.37 8.88 -18.31
N LEU H 104 10.41 8.52 -17.02
CA LEU H 104 11.18 7.36 -16.61
C LEU H 104 10.69 6.10 -17.33
N ALA H 105 9.37 5.91 -17.37
CA ALA H 105 8.80 4.77 -18.06
C ALA H 105 9.03 4.84 -19.56
N LYS H 106 8.89 6.02 -20.15
CA LYS H 106 9.13 6.16 -21.58
C LYS H 106 10.57 5.80 -21.95
N HIS H 107 11.53 6.33 -21.20
CA HIS H 107 12.93 6.05 -21.48
C HIS H 107 13.29 4.60 -21.19
N ALA H 108 12.70 4.02 -20.14
CA ALA H 108 12.96 2.60 -19.84
C ALA H 108 12.40 1.71 -20.95
N VAL H 109 11.22 2.06 -21.48
CA VAL H 109 10.67 1.30 -22.59
C VAL H 109 11.58 1.42 -23.81
N SER H 110 12.09 2.62 -24.09
CA SER H 110 12.98 2.78 -25.22
C SER H 110 14.26 1.95 -25.05
N GLU H 111 14.86 2.01 -23.86
CA GLU H 111 16.08 1.24 -23.61
C GLU H 111 15.82 -0.25 -23.74
N GLY H 112 14.71 -0.73 -23.18
CA GLY H 112 14.40 -2.15 -23.26
C GLY H 112 14.13 -2.62 -24.67
N THR H 113 13.38 -1.84 -25.44
CA THR H 113 13.13 -2.19 -26.84
C THR H 113 14.42 -2.23 -27.63
N LYS H 114 15.31 -1.24 -27.42
CA LYS H 114 16.58 -1.24 -28.12
C LYS H 114 17.41 -2.46 -27.75
N ALA H 115 17.46 -2.80 -26.46
CA ALA H 115 18.23 -3.95 -26.02
C ALA H 115 17.68 -5.24 -26.61
N VAL H 116 16.36 -5.40 -26.62
CA VAL H 116 15.77 -6.62 -27.16
C VAL H 116 15.99 -6.71 -28.67
N THR H 117 15.90 -5.59 -29.38
CA THR H 117 16.17 -5.60 -30.82
C THR H 117 17.62 -6.00 -31.09
N LYS H 118 18.56 -5.45 -30.32
CA LYS H 118 19.95 -5.84 -30.50
C LYS H 118 20.15 -7.32 -30.19
N TYR H 119 19.53 -7.81 -29.11
CA TYR H 119 19.69 -9.21 -28.72
C TYR H 119 19.12 -10.16 -29.77
N THR H 120 18.00 -9.77 -30.38
CA THR H 120 17.41 -10.61 -31.43
C THR H 120 18.17 -10.52 -32.74
N SER H 121 18.72 -9.34 -33.07
CA SER H 121 19.53 -9.22 -34.27
C SER H 121 20.82 -10.02 -34.16
N ALA H 122 21.43 -10.02 -32.98
CA ALA H 122 22.67 -10.75 -32.76
C ALA H 122 22.43 -12.25 -32.82
P 8OG J 35 47.49 -16.58 -9.08
OP1 8OG J 35 48.85 -16.14 -8.58
OP2 8OG J 35 47.25 -16.86 -10.55
O5' 8OG J 35 47.12 -17.95 -8.32
C5' 8OG J 35 46.57 -19.03 -9.07
C4' 8OG J 35 45.32 -19.41 -8.32
O4' 8OG J 35 44.55 -18.23 -8.05
C3' 8OG J 35 44.40 -20.40 -9.03
O3' 8OG J 35 44.26 -21.71 -8.40
C2' 8OG J 35 43.07 -19.70 -9.19
C1' 8OG J 35 43.17 -18.50 -8.28
N9 8OG J 35 42.48 -17.32 -8.86
C8 8OG J 35 42.74 -16.62 -9.97
N7 8OG J 35 41.92 -15.60 -10.22
C5 8OG J 35 41.04 -15.63 -9.21
C6 8OG J 35 39.86 -14.86 -8.81
O6 8OG J 35 39.49 -13.88 -9.50
N1 8OG J 35 39.23 -15.21 -7.69
C2 8OG J 35 39.60 -16.25 -6.92
N2 8OG J 35 38.88 -16.54 -5.82
N3 8OG J 35 40.67 -17.03 -7.23
C4 8OG J 35 41.41 -16.76 -8.33
O8 8OG J 35 43.73 -16.88 -10.75
#